data_7Y67
#
_entry.id   7Y67
#
_cell.length_a   1.00
_cell.length_b   1.00
_cell.length_c   1.00
_cell.angle_alpha   90.00
_cell.angle_beta   90.00
_cell.angle_gamma   90.00
#
_symmetry.space_group_name_H-M   'P 1'
#
loop_
_entity.id
_entity.type
_entity.pdbx_description
1 polymer 'Guanine nucleotide-binding protein G(i) subunit alpha-1'
2 polymer 'Guanine nucleotide-binding protein G(I)/G(S)/G(T) subunit beta-1'
3 polymer 'Guanine nucleotide-binding protein G(I)/G(S)/G(O) subunit gamma-2'
4 polymer 'C5a anaphylatoxin chemotactic receptor 1'
5 polymer scFv16
6 polymer 'C089 peptide'
#
loop_
_entity_poly.entity_id
_entity_poly.type
_entity_poly.pdbx_seq_one_letter_code
_entity_poly.pdbx_strand_id
1 'polypeptide(L)'
;MGCTLSAEDKAAVERSKMIDRNLREDGEKAAREVKLLLLGAGESGKNTIVKQMKIIHEAGYSEEECKQYKAVVYSNTIQS
IIAIIRAMGRLKIDFGDSARADDARQLFVLAGAAEEGFMTAELAGVIKRLWKDSGVQACFNRSREYQLNDSAAYYLNDLD
RIAQPNYIPTQQDVLRTRVKTTGIVETHFTFKDLHFKMFDVGAQRSERKKWIHCFEGVTAIIFCVALSDYDLVLAEDEEM
NRMHASMKLFDSICNNKWFTDTSIILFLNKKDLFEEKIKKSPLTICYPEYAGSNTYEEAAAYIQCQFEDLNKRKDTKEIY
THFTCSTDTKNVQFVFDAVTDVIIKNNLKDCGLF
;
A
2 'polypeptide(L)'
;MHHHHLEVLFQGPGSSGSELDQLRQEAEQLKNQIRDARKACADATLSQITNNIDPVGRIQMRTRRTLRGHLAKIYAMHWG
TDSRLLVSASQDGKLIIWDSYTTNKVHAIPLRSSWVMTCAYAPSGNYVACGGLDNICSIYNLKTREGNVRVSRELAGHTG
YLSCCRFLDDNQIVTSSGDTTCALWDIETGQQTTTFTGHTGDVMSLSLAPDTRLFVSGACDASAKLWDVREGMCRQTFTG
HESDINAICFFPNGNAFATGSDDATCRLFDLRADQELMTYSHDNIICGITSVSFSKSGRLLLAGYDDFNCNVWDALKADR
AGVLAGHDNRVSCLGVTDDGMAVATGSWDSFLKIWN
;
B
3 'polypeptide(L)' MASNNTASIAQARKLVEQLKMEANIDRIKVSKAAADLMAYCEAHAKEDPLLTPVPASENPFREKKFFCAIL C
4 'polypeptide(L)'
;MDSFNYTTPDYGHYDDKDTLDLNTPVDKTSNTLRVPDILALVIFAVVFLVGVLGNALVVWVTAFEAKRTINAIWFLNLAV
ADFLSCLALPILFTSIVQHHHWPFGGAACSILPSLALLNMYASILLLATISADRFLLVFKPIWCQNFRGAGLAWIACAVA
WGLALLLTIPSFLYRVVREEYFPPKVLCGVDYSHDKRRERAVAIVRLVLGFLWPLLTLTICYTFILLRTWSRRATRSTKT
LKVVVAVVASFFIFWLPYQVTGIMMSFLEPSSPTFLLLKKLDSLCVSFAYINCCINPIIYVVAGQGFQGRLRKSLPSLLR
NVLTEESVVRHHHHHHHHH
;
D
5 'polypeptide(L)'
;MDVQLVESGGGLVQPGGSRKLSCSASGFAFSSFGMHWVRQAPEKGLEWVAYISSGSGTIYYADTVKGRFTISRDDPKNTL
FLQMTSLRSEDTAMYYCVRSIYYYGSSPFDFWGQGTTLTVSSGGGGSGGGGSGGGGSDIVMTQATSSVPVTPGESVSISC
RSSKSLLHSNGNTYLYWFLQRPGQSPQLLIYRMSNLASGVPDRFSGSGSGTAFTLTISRLEAEDVGVYYCMQHLEYPLTF
GAGTKLELKAAAENLYFQGHHHHHHHH
;
S
6 'polypeptide(L)' (MEA)KP(ZAL)W(DAR) L
#
# COMPACT_ATOMS: atom_id res chain seq x y z
N THR A 4 24.36 15.91 3.64
CA THR A 4 24.70 14.77 4.49
C THR A 4 24.81 13.49 3.67
N LEU A 5 23.85 13.29 2.77
CA LEU A 5 23.84 12.09 1.94
C LEU A 5 24.96 12.11 0.92
N SER A 6 25.44 10.93 0.57
CA SER A 6 26.51 10.78 -0.41
C SER A 6 25.95 10.91 -1.82
N ALA A 7 26.81 10.74 -2.82
CA ALA A 7 26.39 10.87 -4.21
C ALA A 7 25.56 9.69 -4.70
N GLU A 8 25.68 8.53 -4.05
CA GLU A 8 24.96 7.33 -4.47
C GLU A 8 23.70 7.10 -3.64
N ASP A 9 23.34 8.03 -2.76
CA ASP A 9 22.08 7.95 -2.02
C ASP A 9 21.01 8.86 -2.59
N LYS A 10 21.39 9.99 -3.18
CA LYS A 10 20.43 10.86 -3.84
C LYS A 10 19.78 10.17 -5.03
N ALA A 11 20.57 9.40 -5.78
CA ALA A 11 20.01 8.65 -6.91
C ALA A 11 19.03 7.59 -6.43
N ALA A 12 19.35 6.92 -5.32
CA ALA A 12 18.41 5.95 -4.75
C ALA A 12 17.12 6.62 -4.31
N VAL A 13 17.23 7.80 -3.70
CA VAL A 13 16.04 8.54 -3.28
C VAL A 13 15.19 8.93 -4.49
N GLU A 14 15.84 9.37 -5.56
CA GLU A 14 15.12 9.72 -6.78
C GLU A 14 14.42 8.49 -7.38
N ARG A 15 15.10 7.35 -7.37
CA ARG A 15 14.48 6.12 -7.86
C ARG A 15 13.27 5.74 -7.03
N SER A 16 13.37 5.87 -5.71
CA SER A 16 12.22 5.58 -4.85
C SER A 16 11.07 6.53 -5.12
N LYS A 17 11.38 7.81 -5.36
CA LYS A 17 10.32 8.78 -5.69
C LYS A 17 9.62 8.41 -6.99
N MET A 18 10.40 8.02 -8.01
CA MET A 18 9.79 7.61 -9.27
C MET A 18 8.93 6.36 -9.09
N ILE A 19 9.40 5.41 -8.29
CA ILE A 19 8.60 4.20 -8.04
C ILE A 19 7.29 4.58 -7.36
N ASP A 20 7.34 5.48 -6.38
CA ASP A 20 6.12 5.92 -5.72
C ASP A 20 5.17 6.59 -6.69
N ARG A 21 5.69 7.44 -7.58
CA ARG A 21 4.85 8.13 -8.54
C ARG A 21 4.16 7.14 -9.48
N ASN A 22 4.92 6.18 -10.02
CA ASN A 22 4.31 5.19 -10.91
C ASN A 22 3.30 4.32 -10.17
N LEU A 23 3.60 3.95 -8.92
CA LEU A 23 2.67 3.13 -8.15
C LEU A 23 1.37 3.86 -7.91
N ARG A 24 1.43 5.15 -7.54
CA ARG A 24 0.21 5.93 -7.34
C ARG A 24 -0.56 6.08 -8.65
N GLU A 25 0.14 6.34 -9.75
CA GLU A 25 -0.54 6.51 -11.03
C GLU A 25 -1.25 5.22 -11.46
N ASP A 26 -0.60 4.07 -11.23
CA ASP A 26 -1.23 2.80 -11.58
C ASP A 26 -2.38 2.47 -10.64
N GLY A 27 -2.29 2.85 -9.37
CA GLY A 27 -3.38 2.58 -8.44
C GLY A 27 -4.57 3.49 -8.61
N GLU A 28 -4.39 4.67 -9.21
CA GLU A 28 -5.53 5.53 -9.50
C GLU A 28 -6.46 4.90 -10.54
N LYS A 29 -5.90 4.13 -11.47
CA LYS A 29 -6.69 3.53 -12.55
C LYS A 29 -7.55 2.36 -12.07
N ALA A 30 -7.21 1.73 -10.95
CA ALA A 30 -7.95 0.58 -10.47
C ALA A 30 -9.26 0.95 -9.77
N ALA A 31 -9.50 2.23 -9.54
CA ALA A 31 -10.75 2.69 -8.95
C ALA A 31 -11.79 3.06 -10.00
N ARG A 32 -11.45 2.95 -11.29
CA ARG A 32 -12.39 3.18 -12.37
C ARG A 32 -13.03 1.89 -12.87
N GLU A 33 -13.04 0.85 -12.05
CA GLU A 33 -13.54 -0.46 -12.44
C GLU A 33 -14.65 -0.88 -11.49
N VAL A 34 -15.72 -1.44 -12.04
CA VAL A 34 -16.84 -1.91 -11.23
C VAL A 34 -16.70 -3.42 -11.07
N LYS A 35 -16.47 -3.86 -9.84
CA LYS A 35 -16.17 -5.26 -9.56
C LYS A 35 -17.42 -6.00 -9.14
N LEU A 36 -17.69 -7.13 -9.79
CA LEU A 36 -18.83 -7.98 -9.50
C LEU A 36 -18.37 -9.40 -9.21
N LEU A 37 -19.00 -10.03 -8.23
CA LEU A 37 -18.68 -11.40 -7.85
C LEU A 37 -19.86 -12.30 -8.21
N LEU A 38 -19.60 -13.35 -8.99
CA LEU A 38 -20.64 -14.24 -9.48
C LEU A 38 -20.60 -15.55 -8.68
N LEU A 39 -21.76 -15.94 -8.15
CA LEU A 39 -21.89 -17.18 -7.38
C LEU A 39 -23.05 -18.00 -7.94
N GLY A 40 -23.29 -19.15 -7.33
CA GLY A 40 -24.37 -20.01 -7.78
C GLY A 40 -24.29 -21.38 -7.14
N ALA A 41 -24.97 -22.35 -7.76
CA ALA A 41 -25.04 -23.71 -7.25
C ALA A 41 -24.57 -24.74 -8.28
N GLY A 42 -23.59 -24.38 -9.10
CA GLY A 42 -23.02 -25.29 -10.07
C GLY A 42 -23.78 -25.36 -11.39
N GLU A 43 -24.90 -26.07 -11.39
CA GLU A 43 -25.71 -26.24 -12.60
C GLU A 43 -26.76 -25.16 -12.76
N SER A 44 -26.65 -24.07 -12.01
CA SER A 44 -27.66 -23.00 -12.07
C SER A 44 -27.69 -22.33 -13.42
N GLY A 45 -26.61 -22.39 -14.19
CA GLY A 45 -26.58 -21.77 -15.50
C GLY A 45 -25.67 -20.57 -15.58
N LYS A 46 -24.52 -20.63 -14.90
CA LYS A 46 -23.60 -19.50 -14.92
C LYS A 46 -23.10 -19.22 -16.33
N ASN A 47 -22.73 -20.28 -17.07
CA ASN A 47 -22.11 -20.10 -18.38
C ASN A 47 -23.06 -19.42 -19.36
N THR A 48 -24.34 -19.77 -19.31
CA THR A 48 -25.31 -19.14 -20.21
C THR A 48 -25.40 -17.63 -19.95
N ILE A 49 -25.48 -17.24 -18.67
CA ILE A 49 -25.56 -15.82 -18.33
C ILE A 49 -24.28 -15.10 -18.73
N VAL A 50 -23.12 -15.74 -18.52
CA VAL A 50 -21.85 -15.13 -18.87
C VAL A 50 -21.78 -14.89 -20.37
N LYS A 51 -22.18 -15.89 -21.18
CA LYS A 51 -22.16 -15.69 -22.62
C LYS A 51 -23.27 -14.77 -23.11
N GLN A 52 -24.32 -14.54 -22.30
CA GLN A 52 -25.30 -13.54 -22.68
C GLN A 52 -24.78 -12.12 -22.46
N MET A 53 -24.16 -11.84 -21.31
CA MET A 53 -23.73 -10.48 -21.06
C MET A 53 -22.41 -10.13 -21.72
N LYS A 54 -21.70 -11.10 -22.29
CA LYS A 54 -20.41 -10.85 -22.91
C LYS A 54 -20.57 -10.82 -24.43
N ILE A 55 -19.89 -9.87 -25.07
CA ILE A 55 -19.96 -9.73 -26.52
C ILE A 55 -19.25 -10.91 -27.19
N GLY A 183 -8.55 -22.23 -11.20
CA GLY A 183 -8.61 -21.49 -9.96
C GLY A 183 -9.73 -20.46 -9.93
N ILE A 184 -9.45 -19.28 -10.47
CA ILE A 184 -10.40 -18.18 -10.53
C ILE A 184 -10.48 -17.69 -11.98
N VAL A 185 -11.68 -17.36 -12.41
CA VAL A 185 -11.94 -16.91 -13.78
C VAL A 185 -12.30 -15.43 -13.75
N GLU A 186 -11.73 -14.67 -14.69
CA GLU A 186 -11.93 -13.23 -14.78
C GLU A 186 -12.49 -12.86 -16.15
N THR A 187 -13.45 -11.93 -16.15
CA THR A 187 -14.08 -11.48 -17.38
C THR A 187 -14.16 -9.95 -17.43
N HIS A 188 -13.93 -9.40 -18.62
CA HIS A 188 -14.06 -7.97 -18.90
C HIS A 188 -15.26 -7.74 -19.80
N PHE A 189 -15.97 -6.63 -19.60
CA PHE A 189 -16.90 -6.13 -20.59
C PHE A 189 -17.22 -4.66 -20.29
N THR A 190 -17.83 -4.00 -21.27
CA THR A 190 -18.16 -2.59 -21.19
C THR A 190 -19.59 -2.38 -21.68
N PHE A 191 -20.30 -1.48 -21.01
CA PHE A 191 -21.69 -1.18 -21.37
C PHE A 191 -21.95 0.27 -21.02
N LYS A 192 -22.06 1.12 -22.04
CA LYS A 192 -22.33 2.55 -21.89
C LYS A 192 -21.28 3.22 -21.00
N ASP A 193 -20.04 3.14 -21.46
CA ASP A 193 -18.90 3.83 -20.85
C ASP A 193 -18.66 3.40 -19.40
N LEU A 194 -18.99 2.16 -19.07
CA LEU A 194 -18.75 1.60 -17.75
C LEU A 194 -18.00 0.28 -17.92
N HIS A 195 -16.93 0.12 -17.14
CA HIS A 195 -16.03 -1.03 -17.26
C HIS A 195 -16.29 -1.99 -16.11
N PHE A 196 -16.64 -3.24 -16.44
CA PHE A 196 -16.98 -4.23 -15.45
C PHE A 196 -15.86 -5.26 -15.30
N LYS A 197 -15.78 -5.84 -14.12
CA LYS A 197 -14.74 -6.77 -13.72
C LYS A 197 -15.42 -7.93 -13.02
N MET A 198 -15.65 -9.03 -13.74
CA MET A 198 -16.46 -10.12 -13.21
C MET A 198 -15.56 -11.26 -12.76
N PHE A 199 -15.78 -11.72 -11.52
CA PHE A 199 -15.02 -12.83 -10.94
C PHE A 199 -15.92 -14.03 -10.75
N ASP A 200 -15.52 -15.17 -11.32
CA ASP A 200 -16.18 -16.45 -11.13
C ASP A 200 -15.23 -17.34 -10.34
N VAL A 201 -15.73 -17.92 -9.24
CA VAL A 201 -14.91 -18.72 -8.34
C VAL A 201 -15.55 -20.07 -8.11
N GLY A 202 -16.30 -20.56 -9.10
CA GLY A 202 -17.05 -21.79 -8.93
C GLY A 202 -16.20 -23.05 -8.90
N ALA A 203 -14.97 -22.99 -9.41
CA ALA A 203 -14.11 -24.17 -9.52
C ALA A 203 -13.18 -24.34 -8.33
N GLN A 204 -13.33 -23.54 -7.28
CA GLN A 204 -12.41 -23.62 -6.15
C GLN A 204 -12.56 -24.96 -5.41
N ARG A 205 -13.79 -25.32 -5.05
CA ARG A 205 -14.06 -26.57 -4.34
C ARG A 205 -13.23 -26.69 -3.06
N SER A 206 -13.09 -25.57 -2.34
CA SER A 206 -12.31 -25.52 -1.11
C SER A 206 -13.20 -25.01 0.03
N GLU A 207 -12.59 -24.77 1.18
CA GLU A 207 -13.30 -24.24 2.34
C GLU A 207 -13.61 -22.77 2.11
N ARG A 208 -14.86 -22.36 2.10
CA ARG A 208 -15.11 -20.95 1.65
C ARG A 208 -14.76 -19.96 2.74
N LYS A 209 -14.94 -20.33 3.99
CA LYS A 209 -14.70 -19.31 5.00
C LYS A 209 -13.24 -18.91 5.12
N LYS A 210 -12.33 -19.63 4.46
CA LYS A 210 -10.92 -19.31 4.55
C LYS A 210 -10.44 -18.32 3.50
N TRP A 211 -11.21 -18.11 2.43
CA TRP A 211 -10.85 -17.16 1.40
C TRP A 211 -11.98 -16.21 1.00
N ILE A 212 -13.13 -16.26 1.69
CA ILE A 212 -14.24 -15.40 1.32
C ILE A 212 -13.99 -13.95 1.71
N HIS A 213 -13.05 -13.70 2.61
CA HIS A 213 -12.80 -12.33 3.08
C HIS A 213 -11.96 -11.51 2.11
N CYS A 214 -11.49 -12.10 1.00
CA CYS A 214 -10.77 -11.31 0.02
C CYS A 214 -11.70 -10.39 -0.76
N PHE A 215 -12.97 -10.75 -0.88
CA PHE A 215 -13.95 -9.96 -1.62
C PHE A 215 -14.75 -9.08 -0.67
N GLU A 216 -14.08 -8.07 -0.12
CA GLU A 216 -14.73 -7.15 0.80
C GLU A 216 -15.37 -5.97 0.08
N GLY A 217 -14.60 -5.30 -0.78
CA GLY A 217 -15.09 -4.10 -1.45
C GLY A 217 -15.69 -4.37 -2.80
N VAL A 218 -16.37 -5.49 -2.95
CA VAL A 218 -17.04 -5.81 -4.21
C VAL A 218 -18.30 -4.97 -4.33
N THR A 219 -18.54 -4.41 -5.51
CA THR A 219 -19.71 -3.57 -5.72
C THR A 219 -21.01 -4.37 -5.58
N ALA A 220 -21.05 -5.57 -6.16
CA ALA A 220 -22.29 -6.34 -6.16
C ALA A 220 -22.01 -7.83 -6.30
N ILE A 221 -22.97 -8.61 -5.84
CA ILE A 221 -22.97 -10.07 -5.98
C ILE A 221 -24.07 -10.45 -6.95
N ILE A 222 -23.76 -11.35 -7.88
CA ILE A 222 -24.73 -11.87 -8.85
C ILE A 222 -24.95 -13.35 -8.55
N PHE A 223 -26.21 -13.70 -8.26
CA PHE A 223 -26.56 -15.04 -7.79
C PHE A 223 -27.56 -15.63 -8.78
N CYS A 224 -27.17 -16.72 -9.42
CA CYS A 224 -27.98 -17.36 -10.46
C CYS A 224 -28.63 -18.61 -9.91
N VAL A 225 -29.92 -18.79 -10.23
CA VAL A 225 -30.68 -19.95 -9.81
C VAL A 225 -31.52 -20.45 -10.98
N ALA A 226 -31.52 -21.76 -11.19
CA ALA A 226 -32.39 -22.40 -12.17
C ALA A 226 -33.64 -22.89 -11.45
N LEU A 227 -34.78 -22.27 -11.75
CA LEU A 227 -36.03 -22.60 -11.08
C LEU A 227 -36.72 -23.81 -11.70
N SER A 228 -36.09 -24.46 -12.68
CA SER A 228 -36.60 -25.69 -13.28
C SER A 228 -36.07 -26.93 -12.59
N ASP A 229 -35.32 -26.78 -11.50
CA ASP A 229 -34.71 -27.90 -10.80
C ASP A 229 -35.41 -28.23 -9.48
N TYR A 230 -36.65 -27.75 -9.30
CA TYR A 230 -37.40 -28.08 -8.10
C TYR A 230 -37.75 -29.57 -8.06
N ASP A 231 -38.02 -30.17 -9.22
CA ASP A 231 -38.37 -31.59 -9.27
C ASP A 231 -37.14 -32.47 -9.04
N LEU A 232 -36.00 -32.10 -9.62
CA LEU A 232 -34.81 -32.93 -9.55
C LEU A 232 -34.22 -32.91 -8.15
N VAL A 233 -33.27 -33.81 -7.91
CA VAL A 233 -32.56 -33.91 -6.64
C VAL A 233 -31.07 -33.98 -6.92
N LEU A 234 -30.29 -33.66 -5.89
CA LEU A 234 -28.85 -33.61 -6.03
C LEU A 234 -28.27 -35.00 -6.25
N ALA A 235 -27.11 -35.05 -6.92
CA ALA A 235 -26.45 -36.32 -7.16
C ALA A 235 -25.95 -36.95 -5.88
N GLU A 236 -25.43 -36.15 -4.95
CA GLU A 236 -24.87 -36.69 -3.71
C GLU A 236 -25.95 -37.36 -2.87
N ASP A 237 -27.11 -36.73 -2.72
CA ASP A 237 -28.19 -37.27 -1.90
C ASP A 237 -29.49 -37.18 -2.67
N GLU A 238 -30.21 -38.30 -2.72
CA GLU A 238 -31.51 -38.30 -3.39
C GLU A 238 -32.58 -37.61 -2.54
N GLU A 239 -32.40 -37.62 -1.21
CA GLU A 239 -33.38 -36.97 -0.34
C GLU A 239 -33.32 -35.45 -0.47
N MET A 240 -32.12 -34.89 -0.47
CA MET A 240 -31.95 -33.45 -0.59
C MET A 240 -32.11 -33.02 -2.05
N ASN A 241 -32.93 -32.01 -2.27
CA ASN A 241 -33.14 -31.45 -3.60
C ASN A 241 -32.25 -30.21 -3.81
N ARG A 242 -32.12 -29.82 -5.08
CA ARG A 242 -31.23 -28.73 -5.43
C ARG A 242 -31.79 -27.38 -4.97
N MET A 243 -33.12 -27.26 -4.92
CA MET A 243 -33.75 -26.01 -4.52
C MET A 243 -33.39 -25.65 -3.08
N HIS A 244 -33.46 -26.63 -2.18
CA HIS A 244 -33.09 -26.38 -0.79
C HIS A 244 -31.60 -26.07 -0.65
N ALA A 245 -30.74 -26.74 -1.43
CA ALA A 245 -29.32 -26.43 -1.38
C ALA A 245 -29.06 -24.99 -1.82
N SER A 246 -29.72 -24.55 -2.89
CA SER A 246 -29.55 -23.18 -3.36
C SER A 246 -30.03 -22.18 -2.31
N MET A 247 -31.17 -22.46 -1.67
CA MET A 247 -31.67 -21.57 -0.63
C MET A 247 -30.72 -21.51 0.56
N LYS A 248 -30.17 -22.66 0.96
CA LYS A 248 -29.23 -22.68 2.08
C LYS A 248 -27.97 -21.90 1.75
N LEU A 249 -27.44 -22.05 0.53
CA LEU A 249 -26.24 -21.31 0.16
C LEU A 249 -26.52 -19.81 0.09
N PHE A 250 -27.71 -19.44 -0.41
CA PHE A 250 -28.10 -18.03 -0.42
C PHE A 250 -28.18 -17.47 1.00
N ASP A 251 -28.75 -18.24 1.93
CA ASP A 251 -28.83 -17.81 3.31
C ASP A 251 -27.44 -17.64 3.90
N SER A 252 -26.53 -18.57 3.60
CA SER A 252 -25.18 -18.47 4.13
C SER A 252 -24.45 -17.24 3.60
N ILE A 253 -24.58 -16.96 2.30
CA ILE A 253 -23.87 -15.82 1.73
C ILE A 253 -24.48 -14.49 2.19
N CYS A 254 -25.82 -14.42 2.22
CA CYS A 254 -26.48 -13.14 2.48
C CYS A 254 -26.19 -12.61 3.88
N ASN A 255 -26.18 -13.50 4.88
CA ASN A 255 -26.05 -13.09 6.27
C ASN A 255 -24.62 -13.22 6.79
N ASN A 256 -23.63 -13.02 5.92
CA ASN A 256 -22.24 -13.07 6.35
C ASN A 256 -21.85 -11.78 7.05
N LYS A 257 -20.80 -11.86 7.88
CA LYS A 257 -20.31 -10.70 8.60
C LYS A 257 -19.46 -9.77 7.73
N TRP A 258 -19.11 -10.19 6.52
CA TRP A 258 -18.33 -9.37 5.61
C TRP A 258 -19.17 -8.66 4.55
N PHE A 259 -20.45 -9.02 4.42
CA PHE A 259 -21.30 -8.44 3.38
C PHE A 259 -22.52 -7.75 3.99
N THR A 260 -22.29 -6.95 5.04
CA THR A 260 -23.40 -6.29 5.71
C THR A 260 -24.12 -5.29 4.81
N ASP A 261 -23.38 -4.58 3.96
CA ASP A 261 -23.93 -3.52 3.12
C ASP A 261 -23.53 -3.77 1.66
N THR A 262 -23.78 -4.99 1.18
CA THR A 262 -23.45 -5.38 -0.19
C THR A 262 -24.74 -5.74 -0.93
N SER A 263 -24.88 -5.23 -2.15
CA SER A 263 -26.07 -5.47 -2.94
C SER A 263 -26.01 -6.84 -3.62
N ILE A 264 -27.17 -7.50 -3.67
CA ILE A 264 -27.32 -8.81 -4.27
C ILE A 264 -28.33 -8.72 -5.40
N ILE A 265 -27.95 -9.23 -6.57
CA ILE A 265 -28.83 -9.35 -7.72
C ILE A 265 -29.14 -10.83 -7.91
N LEU A 266 -30.41 -11.16 -8.04
CA LEU A 266 -30.87 -12.54 -8.12
C LEU A 266 -31.44 -12.79 -9.51
N PHE A 267 -30.80 -13.68 -10.27
CA PHE A 267 -31.27 -14.08 -11.58
C PHE A 267 -31.93 -15.44 -11.47
N LEU A 268 -33.13 -15.56 -12.04
CA LEU A 268 -33.85 -16.82 -12.12
C LEU A 268 -33.95 -17.18 -13.59
N ASN A 269 -33.16 -18.17 -14.02
CA ASN A 269 -33.00 -18.48 -15.43
C ASN A 269 -33.66 -19.80 -15.80
N LYS A 270 -33.84 -19.99 -17.10
CA LYS A 270 -34.49 -21.17 -17.67
C LYS A 270 -35.92 -21.32 -17.15
N LYS A 271 -36.75 -20.34 -17.50
CA LYS A 271 -38.15 -20.35 -17.06
C LYS A 271 -39.06 -21.05 -18.06
N ASP A 272 -38.64 -21.19 -19.32
CA ASP A 272 -39.47 -21.86 -20.31
C ASP A 272 -39.60 -23.36 -20.01
N LEU A 273 -38.49 -24.02 -19.69
CA LEU A 273 -38.61 -25.39 -19.21
C LEU A 273 -39.47 -25.47 -17.95
N PHE A 274 -39.37 -24.47 -17.07
CA PHE A 274 -40.17 -24.48 -15.86
C PHE A 274 -41.66 -24.41 -16.17
N GLU A 275 -42.07 -23.55 -17.11
CA GLU A 275 -43.48 -23.43 -17.44
C GLU A 275 -43.97 -24.64 -18.24
N GLU A 276 -43.09 -25.26 -19.01
CA GLU A 276 -43.49 -26.49 -19.71
C GLU A 276 -43.60 -27.67 -18.76
N LYS A 277 -42.82 -27.69 -17.68
CA LYS A 277 -42.82 -28.79 -16.74
C LYS A 277 -43.81 -28.60 -15.59
N ILE A 278 -44.28 -27.38 -15.35
CA ILE A 278 -45.18 -27.15 -14.23
C ILE A 278 -46.55 -27.76 -14.45
N LYS A 279 -46.96 -27.97 -15.71
CA LYS A 279 -48.27 -28.55 -15.97
C LYS A 279 -48.29 -30.04 -15.68
N LYS A 280 -47.18 -30.74 -15.95
CA LYS A 280 -47.12 -32.17 -15.70
C LYS A 280 -46.96 -32.50 -14.23
N SER A 281 -46.15 -31.73 -13.50
CA SER A 281 -45.85 -32.05 -12.12
C SER A 281 -46.22 -30.91 -11.20
N PRO A 282 -46.75 -31.20 -10.01
CA PRO A 282 -47.11 -30.14 -9.08
C PRO A 282 -45.90 -29.57 -8.36
N LEU A 283 -46.09 -28.37 -7.80
CA LEU A 283 -45.05 -27.70 -7.04
C LEU A 283 -45.03 -28.11 -5.57
N THR A 284 -46.05 -28.83 -5.11
CA THR A 284 -46.15 -29.21 -3.70
C THR A 284 -45.05 -30.17 -3.27
N ILE A 285 -44.31 -30.75 -4.20
CA ILE A 285 -43.20 -31.64 -3.82
C ILE A 285 -42.13 -30.87 -3.06
N CYS A 286 -41.73 -29.71 -3.58
CA CYS A 286 -40.70 -28.92 -2.91
C CYS A 286 -41.25 -28.25 -1.66
N TYR A 287 -42.43 -27.63 -1.76
CA TYR A 287 -43.05 -26.93 -0.64
C TYR A 287 -44.39 -27.57 -0.31
N PRO A 288 -44.46 -28.42 0.72
CA PRO A 288 -45.75 -29.04 1.07
C PRO A 288 -46.75 -28.09 1.68
N GLU A 289 -46.35 -26.88 2.08
CA GLU A 289 -47.24 -25.91 2.70
C GLU A 289 -47.73 -24.86 1.70
N TYR A 290 -47.93 -25.24 0.44
CA TYR A 290 -48.35 -24.32 -0.60
C TYR A 290 -49.74 -24.69 -1.10
N ALA A 291 -50.58 -23.67 -1.27
CA ALA A 291 -51.94 -23.85 -1.79
C ALA A 291 -52.19 -22.75 -2.82
N GLY A 292 -52.06 -23.11 -4.10
CA GLY A 292 -52.21 -22.15 -5.17
C GLY A 292 -52.89 -22.78 -6.38
N SER A 293 -53.10 -21.95 -7.40
CA SER A 293 -53.76 -22.38 -8.63
C SER A 293 -52.84 -23.21 -9.53
N ASN A 294 -51.57 -23.37 -9.16
CA ASN A 294 -50.61 -24.16 -9.93
C ASN A 294 -50.46 -23.62 -11.35
N THR A 295 -50.31 -22.30 -11.45
CA THR A 295 -50.05 -21.63 -12.72
C THR A 295 -48.64 -21.04 -12.68
N TYR A 296 -48.24 -20.44 -13.81
CA TYR A 296 -46.88 -19.92 -13.93
C TYR A 296 -46.69 -18.68 -13.05
N GLU A 297 -47.63 -17.74 -13.10
CA GLU A 297 -47.45 -16.47 -12.40
C GLU A 297 -47.41 -16.66 -10.90
N GLU A 298 -48.35 -17.44 -10.35
CA GLU A 298 -48.38 -17.65 -8.91
C GLU A 298 -47.15 -18.40 -8.42
N ALA A 299 -46.71 -19.42 -9.18
CA ALA A 299 -45.52 -20.15 -8.81
C ALA A 299 -44.28 -19.27 -8.81
N ALA A 300 -44.14 -18.44 -9.86
CA ALA A 300 -42.99 -17.54 -9.93
C ALA A 300 -43.01 -16.54 -8.79
N ALA A 301 -44.18 -15.97 -8.48
CA ALA A 301 -44.29 -15.03 -7.37
C ALA A 301 -43.95 -15.70 -6.04
N TYR A 302 -44.42 -16.93 -5.84
CA TYR A 302 -44.13 -17.64 -4.60
C TYR A 302 -42.63 -17.90 -4.44
N ILE A 303 -41.98 -18.34 -5.52
CA ILE A 303 -40.53 -18.59 -5.46
C ILE A 303 -39.78 -17.28 -5.18
N GLN A 304 -40.20 -16.20 -5.84
CA GLN A 304 -39.58 -14.90 -5.63
C GLN A 304 -39.71 -14.45 -4.17
N CYS A 305 -40.89 -14.62 -3.58
CA CYS A 305 -41.10 -14.23 -2.19
C CYS A 305 -40.27 -15.11 -1.26
N GLN A 306 -40.19 -16.41 -1.56
CA GLN A 306 -39.39 -17.31 -0.71
C GLN A 306 -37.93 -16.91 -0.72
N PHE A 307 -37.40 -16.53 -1.89
CA PHE A 307 -36.03 -16.02 -1.92
C PHE A 307 -35.89 -14.72 -1.15
N GLU A 308 -36.85 -13.80 -1.31
CA GLU A 308 -36.72 -12.49 -0.67
C GLU A 308 -36.83 -12.56 0.84
N ASP A 309 -37.54 -13.55 1.38
CA ASP A 309 -37.79 -13.56 2.82
C ASP A 309 -36.58 -13.98 3.66
N LEU A 310 -35.51 -14.48 3.07
CA LEU A 310 -34.35 -14.91 3.85
C LEU A 310 -33.49 -13.75 4.33
N ASN A 311 -33.71 -12.54 3.84
CA ASN A 311 -32.93 -11.40 4.30
C ASN A 311 -33.22 -11.10 5.77
N LYS A 312 -32.19 -10.63 6.48
CA LYS A 312 -32.31 -10.34 7.90
C LYS A 312 -31.92 -8.90 8.24
N ARG A 313 -31.68 -8.05 7.25
CA ARG A 313 -31.37 -6.65 7.48
C ARG A 313 -32.49 -5.73 7.03
N LYS A 314 -32.88 -5.80 5.75
CA LYS A 314 -34.02 -5.07 5.20
C LYS A 314 -33.87 -3.55 5.33
N ASP A 315 -32.74 -3.08 5.85
CA ASP A 315 -32.48 -1.66 6.02
C ASP A 315 -31.31 -1.17 5.20
N THR A 316 -30.15 -1.83 5.30
CA THR A 316 -28.96 -1.43 4.57
C THR A 316 -28.60 -2.40 3.46
N LYS A 317 -29.46 -3.38 3.17
CA LYS A 317 -29.21 -4.36 2.12
C LYS A 317 -30.41 -4.42 1.19
N GLU A 318 -30.14 -4.58 -0.10
CA GLU A 318 -31.16 -4.61 -1.13
C GLU A 318 -30.96 -5.82 -2.04
N ILE A 319 -32.07 -6.42 -2.45
CA ILE A 319 -32.05 -7.59 -3.34
C ILE A 319 -32.89 -7.27 -4.56
N TYR A 320 -32.30 -7.44 -5.74
CA TYR A 320 -32.98 -7.21 -7.01
C TYR A 320 -33.22 -8.55 -7.68
N THR A 321 -34.45 -8.78 -8.13
CA THR A 321 -34.86 -10.06 -8.71
C THR A 321 -35.34 -9.87 -10.13
N HIS A 322 -34.99 -10.83 -11.00
CA HIS A 322 -35.35 -10.77 -12.40
C HIS A 322 -35.60 -12.17 -12.92
N PHE A 323 -36.44 -12.26 -13.95
CA PHE A 323 -36.77 -13.53 -14.61
C PHE A 323 -36.24 -13.49 -16.04
N THR A 324 -35.60 -14.56 -16.46
CA THR A 324 -34.99 -14.58 -17.80
C THR A 324 -34.97 -16.01 -18.34
N CYS A 325 -34.93 -16.11 -19.66
CA CYS A 325 -34.77 -17.36 -20.38
C CYS A 325 -33.49 -17.31 -21.20
N SER A 326 -33.29 -18.33 -22.03
CA SER A 326 -32.07 -18.40 -22.83
C SER A 326 -31.96 -17.23 -23.80
N THR A 327 -33.07 -16.88 -24.45
CA THR A 327 -33.08 -15.81 -25.45
C THR A 327 -33.57 -14.52 -24.82
N ASP A 328 -32.69 -13.54 -24.70
CA ASP A 328 -33.02 -12.24 -24.12
C ASP A 328 -31.91 -11.25 -24.44
N THR A 329 -32.21 -9.97 -24.21
CA THR A 329 -31.23 -8.91 -24.47
C THR A 329 -31.22 -7.83 -23.38
N LYS A 330 -31.87 -8.05 -22.24
CA LYS A 330 -32.09 -6.98 -21.27
C LYS A 330 -31.55 -7.30 -19.88
N ASN A 331 -30.62 -8.25 -19.76
CA ASN A 331 -30.01 -8.51 -18.46
C ASN A 331 -28.96 -7.45 -18.12
N VAL A 332 -28.20 -7.02 -19.14
CA VAL A 332 -27.14 -6.04 -18.92
C VAL A 332 -27.73 -4.72 -18.44
N GLN A 333 -28.92 -4.37 -18.94
CA GLN A 333 -29.58 -3.15 -18.48
C GLN A 333 -29.94 -3.23 -17.01
N PHE A 334 -30.43 -4.40 -16.58
CA PHE A 334 -30.73 -4.62 -15.16
C PHE A 334 -29.48 -4.45 -14.30
N VAL A 335 -28.37 -5.08 -14.73
CA VAL A 335 -27.13 -4.97 -13.98
C VAL A 335 -26.66 -3.52 -13.94
N PHE A 336 -26.78 -2.81 -15.06
CA PHE A 336 -26.36 -1.42 -15.14
C PHE A 336 -27.18 -0.55 -14.17
N ASP A 337 -28.49 -0.76 -14.11
CA ASP A 337 -29.32 0.01 -13.19
C ASP A 337 -28.94 -0.25 -11.74
N ALA A 338 -28.75 -1.52 -11.39
CA ALA A 338 -28.37 -1.84 -10.00
C ALA A 338 -27.03 -1.23 -9.65
N VAL A 339 -26.05 -1.31 -10.56
CA VAL A 339 -24.73 -0.75 -10.31
C VAL A 339 -24.81 0.77 -10.19
N THR A 340 -25.66 1.42 -10.99
CA THR A 340 -25.83 2.86 -10.89
C THR A 340 -26.38 3.25 -9.52
N ASP A 341 -27.37 2.50 -9.03
CA ASP A 341 -27.91 2.77 -7.70
C ASP A 341 -26.84 2.60 -6.62
N VAL A 342 -26.03 1.54 -6.72
CA VAL A 342 -24.98 1.31 -5.73
C VAL A 342 -23.96 2.44 -5.77
N ILE A 343 -23.59 2.89 -6.97
CA ILE A 343 -22.63 3.98 -7.11
C ILE A 343 -23.17 5.27 -6.50
N ILE A 344 -24.45 5.55 -6.74
CA ILE A 344 -25.06 6.76 -6.16
C ILE A 344 -25.04 6.68 -4.64
N LYS A 345 -25.40 5.53 -4.08
CA LYS A 345 -25.38 5.38 -2.63
C LYS A 345 -23.99 5.57 -2.06
N ASN A 346 -22.98 4.98 -2.71
CA ASN A 346 -21.60 5.13 -2.24
C ASN A 346 -21.14 6.57 -2.31
N ASN A 347 -21.47 7.26 -3.41
CA ASN A 347 -21.08 8.66 -3.55
C ASN A 347 -21.74 9.54 -2.49
N LEU A 348 -23.02 9.30 -2.21
CA LEU A 348 -23.69 10.04 -1.15
C LEU A 348 -23.05 9.78 0.21
N LYS A 349 -22.72 8.52 0.48
CA LYS A 349 -22.14 8.18 1.78
C LYS A 349 -20.74 8.76 1.94
N ASP A 350 -19.98 8.85 0.85
CA ASP A 350 -18.61 9.35 0.94
C ASP A 350 -18.57 10.82 1.36
N CYS A 351 -19.45 11.65 0.81
CA CYS A 351 -19.44 13.08 1.11
C CYS A 351 -20.01 13.41 2.49
N GLY A 352 -20.62 12.44 3.17
CA GLY A 352 -21.23 12.69 4.45
C GLY A 352 -22.66 13.22 4.37
N LEU A 353 -23.17 13.49 3.18
CA LEU A 353 -24.55 13.96 3.04
C LEU A 353 -25.56 12.87 3.38
N PHE A 354 -25.21 11.61 3.14
CA PHE A 354 -26.08 10.49 3.45
C PHE A 354 -26.07 10.20 4.94
N GLY B 17 -17.80 -54.18 5.71
CA GLY B 17 -17.64 -55.61 5.90
C GLY B 17 -16.93 -55.96 7.19
N SER B 18 -16.72 -57.26 7.40
CA SER B 18 -16.02 -57.72 8.60
C SER B 18 -14.58 -57.23 8.62
N GLU B 19 -13.91 -57.26 7.47
CA GLU B 19 -12.52 -56.81 7.41
C GLU B 19 -12.41 -55.34 7.75
N LEU B 20 -13.33 -54.51 7.25
CA LEU B 20 -13.31 -53.09 7.58
C LEU B 20 -13.50 -52.86 9.07
N ASP B 21 -14.44 -53.60 9.68
CA ASP B 21 -14.67 -53.44 11.11
C ASP B 21 -13.47 -53.87 11.93
N GLN B 22 -12.84 -54.99 11.55
CA GLN B 22 -11.67 -55.46 12.31
C GLN B 22 -10.50 -54.50 12.14
N LEU B 23 -10.33 -53.92 10.94
CA LEU B 23 -9.26 -52.96 10.74
C LEU B 23 -9.51 -51.67 11.51
N ARG B 24 -10.77 -51.23 11.59
CA ARG B 24 -11.10 -50.06 12.38
C ARG B 24 -10.86 -50.32 13.87
N GLN B 25 -11.20 -51.51 14.35
CA GLN B 25 -10.92 -51.87 15.74
C GLN B 25 -9.42 -51.88 16.01
N GLU B 26 -8.65 -52.42 15.06
CA GLU B 26 -7.19 -52.40 15.21
C GLU B 26 -6.67 -50.97 15.26
N ALA B 27 -7.18 -50.09 14.40
CA ALA B 27 -6.78 -48.69 14.43
C ALA B 27 -7.11 -48.05 15.78
N GLU B 28 -8.30 -48.35 16.30
CA GLU B 28 -8.70 -47.79 17.59
C GLU B 28 -7.77 -48.27 18.71
N GLN B 29 -7.38 -49.55 18.70
CA GLN B 29 -6.54 -50.05 19.78
C GLN B 29 -5.10 -49.56 19.64
N LEU B 30 -4.61 -49.36 18.41
CA LEU B 30 -3.33 -48.67 18.25
C LEU B 30 -3.40 -47.23 18.76
N LYS B 31 -4.51 -46.53 18.53
CA LYS B 31 -4.65 -45.19 19.07
C LYS B 31 -4.64 -45.20 20.59
N ASN B 32 -5.33 -46.17 21.20
CA ASN B 32 -5.32 -46.30 22.65
C ASN B 32 -3.90 -46.57 23.16
N GLN B 33 -3.17 -47.46 22.48
CA GLN B 33 -1.80 -47.75 22.88
C GLN B 33 -0.91 -46.52 22.77
N ILE B 34 -1.08 -45.74 21.71
CA ILE B 34 -0.29 -44.52 21.54
C ILE B 34 -0.60 -43.53 22.65
N ARG B 35 -1.89 -43.37 22.98
CA ARG B 35 -2.27 -42.46 24.06
C ARG B 35 -1.67 -42.91 25.40
N ASP B 36 -1.74 -44.21 25.68
CA ASP B 36 -1.17 -44.73 26.92
C ASP B 36 0.33 -44.52 26.98
N ALA B 37 1.03 -44.79 25.88
CA ALA B 37 2.48 -44.60 25.85
C ALA B 37 2.85 -43.14 26.02
N ARG B 38 2.07 -42.23 25.42
CA ARG B 38 2.31 -40.81 25.60
C ARG B 38 2.10 -40.39 27.05
N LYS B 39 1.01 -40.85 27.66
CA LYS B 39 0.74 -40.48 29.04
C LYS B 39 1.73 -41.10 30.02
N ALA B 40 2.39 -42.20 29.63
CA ALA B 40 3.33 -42.85 30.53
C ALA B 40 4.53 -41.97 30.83
N CYS B 41 5.00 -41.20 29.85
CA CYS B 41 6.25 -40.45 29.99
C CYS B 41 6.06 -39.05 30.55
N ALA B 42 4.84 -38.69 30.95
CA ALA B 42 4.56 -37.37 31.50
C ALA B 42 4.84 -37.38 33.00
N ASP B 43 5.85 -36.63 33.42
CA ASP B 43 6.24 -36.58 34.82
C ASP B 43 6.19 -35.18 35.43
N ALA B 44 6.45 -34.13 34.66
CA ALA B 44 6.47 -32.78 35.19
C ALA B 44 6.12 -31.79 34.09
N THR B 45 5.76 -30.58 34.49
CA THR B 45 5.38 -29.51 33.59
C THR B 45 6.47 -28.46 33.51
N LEU B 46 6.46 -27.68 32.44
CA LEU B 46 7.45 -26.64 32.25
C LEU B 46 7.34 -25.53 33.30
N SER B 47 6.11 -25.25 33.76
CA SER B 47 5.93 -24.19 34.75
C SER B 47 6.62 -24.53 36.06
N GLN B 48 6.52 -25.78 36.51
CA GLN B 48 7.17 -26.17 37.75
C GLN B 48 8.69 -26.08 37.65
N ILE B 49 9.26 -26.51 36.52
CA ILE B 49 10.70 -26.48 36.37
C ILE B 49 11.20 -25.04 36.27
N THR B 50 10.46 -24.19 35.56
CA THR B 50 10.85 -22.79 35.37
C THR B 50 10.20 -21.87 36.38
N ASN B 51 9.89 -22.38 37.57
CA ASN B 51 9.24 -21.58 38.60
C ASN B 51 10.23 -20.75 39.42
N ASN B 52 11.53 -20.94 39.23
CA ASN B 52 12.54 -20.21 39.98
C ASN B 52 13.31 -19.19 39.15
N ILE B 53 13.15 -19.19 37.83
CA ILE B 53 13.85 -18.24 36.98
C ILE B 53 13.27 -16.84 37.20
N ASP B 54 14.15 -15.86 37.33
CA ASP B 54 13.70 -14.49 37.53
C ASP B 54 12.93 -14.00 36.31
N PRO B 55 11.91 -13.17 36.49
CA PRO B 55 11.11 -12.71 35.34
C PRO B 55 11.72 -11.50 34.65
N VAL B 56 11.57 -11.48 33.32
CA VAL B 56 12.03 -10.34 32.54
C VAL B 56 11.16 -9.13 32.83
N GLY B 57 11.78 -7.96 32.87
CA GLY B 57 11.06 -6.74 33.14
C GLY B 57 10.15 -6.35 32.00
N ARG B 58 9.36 -5.30 32.22
CA ARG B 58 8.44 -4.80 31.21
C ARG B 58 9.20 -4.35 29.99
N ILE B 59 8.84 -4.89 28.83
CA ILE B 59 9.53 -4.59 27.58
C ILE B 59 8.84 -3.41 26.91
N GLN B 60 9.62 -2.39 26.59
CA GLN B 60 9.12 -1.20 25.90
C GLN B 60 9.72 -1.15 24.50
N MET B 61 8.86 -1.06 23.49
CA MET B 61 9.28 -0.98 22.10
C MET B 61 8.62 0.23 21.46
N ARG B 62 9.36 0.89 20.57
CA ARG B 62 8.89 2.10 19.91
C ARG B 62 8.96 1.91 18.40
N THR B 63 8.00 2.51 17.70
CA THR B 63 7.96 2.43 16.24
C THR B 63 9.10 3.27 15.67
N ARG B 64 10.19 2.61 15.29
CA ARG B 64 11.34 3.33 14.74
C ARG B 64 11.08 3.80 13.32
N ARG B 65 10.49 2.94 12.49
CA ARG B 65 10.21 3.28 11.10
C ARG B 65 8.79 2.86 10.74
N THR B 66 8.19 3.57 9.79
CA THR B 66 6.87 3.25 9.27
C THR B 66 6.95 3.26 7.74
N LEU B 67 6.65 2.13 7.12
CA LEU B 67 6.78 1.97 5.68
C LEU B 67 5.41 2.18 5.04
N ARG B 68 5.36 3.05 4.04
CA ARG B 68 4.12 3.41 3.36
C ARG B 68 4.29 3.31 1.86
N GLY B 69 3.17 3.11 1.18
CA GLY B 69 3.18 3.02 -0.27
C GLY B 69 2.14 2.05 -0.82
N HIS B 70 1.71 1.10 0.00
CA HIS B 70 0.65 0.18 -0.40
C HIS B 70 -0.72 0.83 -0.25
N LEU B 71 -1.58 0.61 -1.24
CA LEU B 71 -2.91 1.20 -1.27
C LEU B 71 -4.02 0.14 -1.17
N ALA B 72 -3.68 -1.06 -0.70
CA ALA B 72 -4.65 -2.13 -0.56
C ALA B 72 -4.26 -2.96 0.65
N LYS B 73 -4.83 -4.15 0.77
CA LYS B 73 -4.58 -5.01 1.92
C LYS B 73 -3.28 -5.77 1.75
N ILE B 74 -2.48 -5.79 2.82
CA ILE B 74 -1.17 -6.45 2.82
C ILE B 74 -1.33 -7.83 3.44
N TYR B 75 -0.81 -8.85 2.77
CA TYR B 75 -1.07 -10.22 3.21
C TYR B 75 0.14 -10.99 3.69
N ALA B 76 1.34 -10.69 3.20
CA ALA B 76 2.51 -11.47 3.60
C ALA B 76 3.77 -10.64 3.48
N MET B 77 4.79 -11.03 4.25
CA MET B 77 6.11 -10.43 4.14
C MET B 77 7.14 -11.41 4.68
N HIS B 78 8.38 -11.25 4.23
CA HIS B 78 9.47 -12.14 4.62
C HIS B 78 10.76 -11.34 4.71
N TRP B 79 11.56 -11.63 5.73
CA TRP B 79 12.84 -10.96 5.93
C TRP B 79 13.91 -11.54 5.02
N GLY B 80 14.99 -10.76 4.86
CA GLY B 80 16.13 -11.20 4.08
C GLY B 80 17.17 -11.91 4.95
N THR B 81 18.31 -12.18 4.32
CA THR B 81 19.42 -12.83 5.02
C THR B 81 20.33 -11.83 5.72
N ASP B 82 20.54 -10.65 5.13
CA ASP B 82 21.40 -9.63 5.71
C ASP B 82 20.67 -8.73 6.70
N SER B 83 19.39 -8.98 6.96
CA SER B 83 18.59 -8.20 7.91
C SER B 83 18.57 -6.72 7.54
N ARG B 84 18.47 -6.43 6.24
CA ARG B 84 18.35 -5.06 5.76
C ARG B 84 17.16 -4.92 4.82
N LEU B 85 16.85 -5.98 4.08
CA LEU B 85 15.84 -5.94 3.03
C LEU B 85 14.70 -6.91 3.35
N LEU B 86 13.50 -6.53 2.95
CA LEU B 86 12.33 -7.38 3.11
C LEU B 86 11.42 -7.21 1.89
N VAL B 87 10.52 -8.18 1.71
CA VAL B 87 9.59 -8.18 0.59
C VAL B 87 8.18 -8.32 1.14
N SER B 88 7.24 -7.58 0.55
CA SER B 88 5.85 -7.59 0.99
C SER B 88 4.92 -7.69 -0.21
N ALA B 89 3.76 -8.32 0.02
CA ALA B 89 2.79 -8.60 -1.04
C ALA B 89 1.44 -7.97 -0.68
N SER B 90 0.83 -7.29 -1.65
CA SER B 90 -0.46 -6.64 -1.42
C SER B 90 -1.46 -7.08 -2.47
N GLN B 91 -2.75 -6.89 -2.15
CA GLN B 91 -3.85 -7.19 -3.06
C GLN B 91 -3.98 -6.19 -4.19
N ASP B 92 -3.23 -5.10 -4.17
CA ASP B 92 -3.21 -4.23 -5.35
C ASP B 92 -2.42 -4.83 -6.50
N GLY B 93 -2.00 -6.08 -6.37
CA GLY B 93 -1.23 -6.75 -7.41
C GLY B 93 0.24 -6.39 -7.41
N LYS B 94 0.80 -6.03 -6.27
CA LYS B 94 2.17 -5.54 -6.20
C LYS B 94 2.98 -6.30 -5.17
N LEU B 95 4.26 -6.50 -5.51
CA LEU B 95 5.25 -7.10 -4.62
C LEU B 95 6.40 -6.11 -4.49
N ILE B 96 6.64 -5.61 -3.28
CA ILE B 96 7.57 -4.51 -3.07
C ILE B 96 8.73 -4.96 -2.19
N ILE B 97 9.94 -4.63 -2.60
CA ILE B 97 11.16 -4.88 -1.83
C ILE B 97 11.61 -3.56 -1.21
N TRP B 98 11.84 -3.57 0.09
CA TRP B 98 12.11 -2.37 0.87
C TRP B 98 13.59 -2.30 1.26
N ASP B 99 13.95 -1.19 1.92
CA ASP B 99 15.26 -0.99 2.51
C ASP B 99 15.01 -0.46 3.92
N SER B 100 15.15 -1.34 4.92
CA SER B 100 14.66 -1.02 6.26
C SER B 100 15.43 0.15 6.89
N TYR B 101 16.74 0.20 6.70
CA TYR B 101 17.53 1.20 7.41
C TYR B 101 17.26 2.62 6.88
N THR B 102 17.13 2.77 5.57
CA THR B 102 16.94 4.09 4.96
C THR B 102 15.51 4.35 4.54
N THR B 103 14.61 3.39 4.68
CA THR B 103 13.20 3.52 4.28
C THR B 103 13.11 3.96 2.82
N ASN B 104 13.56 3.07 1.94
CA ASN B 104 13.55 3.31 0.50
C ASN B 104 12.93 2.11 -0.21
N LYS B 105 12.63 2.29 -1.49
CA LYS B 105 12.06 1.24 -2.32
C LYS B 105 13.08 0.83 -3.37
N VAL B 106 13.35 -0.46 -3.45
CA VAL B 106 14.34 -1.00 -4.38
C VAL B 106 13.66 -1.54 -5.64
N HIS B 107 12.68 -2.42 -5.49
CA HIS B 107 12.00 -3.03 -6.61
C HIS B 107 10.49 -3.09 -6.35
N ALA B 108 9.72 -2.89 -7.42
CA ALA B 108 8.27 -3.04 -7.39
C ALA B 108 7.87 -3.94 -8.55
N ILE B 109 7.36 -5.12 -8.23
CA ILE B 109 7.07 -6.17 -9.20
C ILE B 109 5.55 -6.21 -9.40
N PRO B 110 5.04 -5.98 -10.61
CA PRO B 110 3.63 -6.22 -10.89
C PRO B 110 3.32 -7.70 -10.95
N LEU B 111 2.05 -8.02 -10.77
CA LEU B 111 1.57 -9.39 -10.76
C LEU B 111 0.45 -9.55 -11.78
N ARG B 112 0.43 -10.71 -12.45
CA ARG B 112 -0.66 -11.02 -13.35
C ARG B 112 -1.94 -11.34 -12.58
N SER B 113 -1.81 -12.01 -11.45
CA SER B 113 -2.92 -12.31 -10.56
C SER B 113 -2.81 -11.44 -9.31
N SER B 114 -3.89 -10.76 -8.97
CA SER B 114 -3.91 -9.86 -7.83
C SER B 114 -4.33 -10.54 -6.53
N TRP B 115 -4.62 -11.84 -6.57
CA TRP B 115 -5.08 -12.56 -5.39
C TRP B 115 -3.89 -13.30 -4.78
N VAL B 116 -3.02 -12.54 -4.12
CA VAL B 116 -1.81 -13.06 -3.51
C VAL B 116 -2.07 -13.35 -2.04
N MET B 117 -1.50 -14.44 -1.54
CA MET B 117 -1.65 -14.83 -0.16
C MET B 117 -0.35 -15.21 0.53
N THR B 118 0.77 -15.21 -0.19
CA THR B 118 2.05 -15.59 0.41
C THR B 118 3.19 -15.05 -0.45
N CYS B 119 4.38 -15.01 0.14
CA CYS B 119 5.58 -14.60 -0.57
C CYS B 119 6.79 -15.21 0.15
N ALA B 120 7.88 -15.35 -0.59
CA ALA B 120 9.09 -15.97 -0.04
C ALA B 120 10.32 -15.32 -0.67
N TYR B 121 11.35 -15.15 0.15
CA TYR B 121 12.60 -14.53 -0.25
C TYR B 121 13.72 -15.55 -0.18
N ALA B 122 14.49 -15.66 -1.26
CA ALA B 122 15.54 -16.68 -1.31
C ALA B 122 16.67 -16.34 -0.34
N PRO B 123 17.26 -17.34 0.31
CA PRO B 123 18.35 -17.06 1.25
C PRO B 123 19.59 -16.46 0.60
N SER B 124 19.78 -16.63 -0.70
CA SER B 124 20.92 -16.07 -1.40
C SER B 124 20.63 -14.70 -2.01
N GLY B 125 19.41 -14.19 -1.86
CA GLY B 125 19.05 -12.90 -2.40
C GLY B 125 19.08 -12.81 -3.92
N ASN B 126 18.59 -13.85 -4.60
CA ASN B 126 18.57 -13.90 -6.05
C ASN B 126 17.18 -14.06 -6.64
N TYR B 127 16.28 -14.76 -5.97
CA TYR B 127 14.94 -15.02 -6.49
C TYR B 127 13.90 -14.68 -5.43
N VAL B 128 12.68 -14.43 -5.89
CA VAL B 128 11.54 -14.20 -5.00
C VAL B 128 10.36 -15.03 -5.52
N ALA B 129 9.66 -15.69 -4.61
CA ALA B 129 8.55 -16.57 -4.97
C ALA B 129 7.23 -15.98 -4.51
N CYS B 130 6.21 -16.11 -5.35
CA CYS B 130 4.89 -15.56 -5.03
C CYS B 130 3.80 -16.42 -5.63
N GLY B 131 2.68 -16.55 -4.93
CA GLY B 131 1.56 -17.31 -5.45
C GLY B 131 0.37 -17.25 -4.51
N GLY B 132 -0.76 -17.70 -5.04
CA GLY B 132 -1.98 -17.77 -4.26
C GLY B 132 -3.25 -17.68 -5.08
N LEU B 133 -4.26 -18.47 -4.72
CA LEU B 133 -5.60 -18.42 -5.29
C LEU B 133 -5.60 -18.54 -6.82
N ASP B 134 -4.53 -19.06 -7.40
CA ASP B 134 -4.47 -19.25 -8.85
C ASP B 134 -3.80 -20.56 -9.24
N ASN B 135 -3.49 -21.42 -8.27
CA ASN B 135 -2.91 -22.75 -8.51
C ASN B 135 -1.52 -22.68 -9.15
N ILE B 136 -0.87 -21.52 -9.09
CA ILE B 136 0.41 -21.31 -9.76
C ILE B 136 1.36 -20.61 -8.80
N CYS B 137 2.61 -21.06 -8.78
CA CYS B 137 3.68 -20.42 -8.01
C CYS B 137 4.70 -19.84 -8.99
N SER B 138 4.91 -18.53 -8.93
CA SER B 138 5.80 -17.85 -9.86
C SER B 138 7.10 -17.47 -9.18
N ILE B 139 8.21 -17.70 -9.88
CA ILE B 139 9.54 -17.35 -9.41
C ILE B 139 10.04 -16.17 -10.24
N TYR B 140 10.51 -15.13 -9.57
CA TYR B 140 11.01 -13.91 -10.21
C TYR B 140 12.50 -13.77 -9.94
N ASN B 141 13.24 -13.45 -10.99
CA ASN B 141 14.69 -13.29 -10.92
C ASN B 141 15.02 -11.82 -10.70
N LEU B 142 15.80 -11.53 -9.66
CA LEU B 142 16.12 -10.16 -9.29
C LEU B 142 17.35 -9.63 -10.03
N LYS B 143 18.39 -10.45 -10.20
CA LYS B 143 19.65 -10.02 -10.80
C LYS B 143 19.64 -10.43 -12.26
N THR B 144 19.27 -9.48 -13.13
CA THR B 144 19.14 -9.71 -14.56
C THR B 144 20.03 -8.73 -15.30
N ARG B 145 20.70 -9.22 -16.35
CA ARG B 145 21.58 -8.37 -17.14
C ARG B 145 20.79 -7.29 -17.87
N GLU B 146 19.52 -7.57 -18.20
CA GLU B 146 18.69 -6.60 -18.92
C GLU B 146 18.33 -5.40 -18.06
N GLY B 147 18.37 -5.53 -16.73
CA GLY B 147 18.11 -4.43 -15.83
C GLY B 147 16.73 -4.44 -15.20
N ASN B 148 15.80 -5.21 -15.74
CA ASN B 148 14.45 -5.31 -15.19
C ASN B 148 14.31 -6.60 -14.39
N VAL B 149 13.09 -6.87 -13.93
CA VAL B 149 12.76 -8.08 -13.19
C VAL B 149 11.82 -8.91 -14.04
N ARG B 150 12.20 -10.18 -14.27
CA ARG B 150 11.44 -11.06 -15.13
C ARG B 150 11.12 -12.36 -14.39
N VAL B 151 10.02 -12.99 -14.79
CA VAL B 151 9.60 -14.25 -14.20
C VAL B 151 10.39 -15.40 -14.85
N SER B 152 10.89 -16.31 -14.03
CA SER B 152 11.72 -17.41 -14.50
C SER B 152 10.93 -18.70 -14.69
N ARG B 153 10.08 -19.07 -13.74
CA ARG B 153 9.37 -20.35 -13.81
C ARG B 153 8.01 -20.24 -13.14
N GLU B 154 7.01 -20.87 -13.77
CA GLU B 154 5.65 -20.94 -13.25
C GLU B 154 5.35 -22.40 -12.93
N LEU B 155 5.36 -22.75 -11.64
CA LEU B 155 5.05 -24.10 -11.20
C LEU B 155 3.54 -24.26 -11.10
N ALA B 156 3.01 -25.27 -11.78
CA ALA B 156 1.59 -25.58 -11.78
C ALA B 156 1.40 -27.07 -11.54
N GLY B 157 0.23 -27.43 -11.03
CA GLY B 157 -0.06 -28.81 -10.72
C GLY B 157 -0.93 -28.99 -9.49
N HIS B 158 -1.16 -27.89 -8.76
CA HIS B 158 -2.04 -27.92 -7.61
C HIS B 158 -3.48 -27.64 -8.03
N THR B 159 -4.42 -28.18 -7.25
CA THR B 159 -5.84 -28.05 -7.53
C THR B 159 -6.54 -27.19 -6.49
N GLY B 160 -5.80 -26.32 -5.82
CA GLY B 160 -6.37 -25.45 -4.81
C GLY B 160 -5.44 -24.30 -4.52
N TYR B 161 -5.97 -23.31 -3.81
CA TYR B 161 -5.21 -22.10 -3.54
C TYR B 161 -3.95 -22.41 -2.74
N LEU B 162 -2.85 -21.75 -3.10
CA LEU B 162 -1.57 -21.96 -2.45
C LEU B 162 -1.50 -21.14 -1.16
N SER B 163 -1.19 -21.80 -0.06
CA SER B 163 -1.16 -21.16 1.25
C SER B 163 0.24 -20.70 1.67
N CYS B 164 1.28 -21.46 1.35
CA CYS B 164 2.61 -21.10 1.80
C CYS B 164 3.65 -21.64 0.82
N CYS B 165 4.81 -20.97 0.78
CA CYS B 165 5.92 -21.40 -0.05
C CYS B 165 7.22 -20.98 0.62
N ARG B 166 8.20 -21.88 0.62
CA ARG B 166 9.49 -21.61 1.24
C ARG B 166 10.62 -22.18 0.39
N PHE B 167 11.70 -21.43 0.28
CA PHE B 167 12.87 -21.87 -0.48
C PHE B 167 13.67 -22.87 0.35
N LEU B 168 13.70 -24.12 -0.10
CA LEU B 168 14.55 -25.11 0.55
C LEU B 168 16.02 -24.84 0.28
N ASP B 169 16.35 -24.56 -0.98
CA ASP B 169 17.69 -24.17 -1.40
C ASP B 169 17.54 -23.14 -2.52
N ASP B 170 18.63 -22.88 -3.23
CA ASP B 170 18.58 -21.98 -4.37
C ASP B 170 17.86 -22.59 -5.57
N ASN B 171 17.63 -23.90 -5.57
CA ASN B 171 16.97 -24.57 -6.69
C ASN B 171 15.74 -25.37 -6.27
N GLN B 172 15.56 -25.66 -4.99
CA GLN B 172 14.43 -26.43 -4.50
C GLN B 172 13.49 -25.54 -3.70
N ILE B 173 12.19 -25.83 -3.80
CA ILE B 173 11.16 -25.07 -3.12
C ILE B 173 10.10 -26.03 -2.60
N VAL B 174 9.49 -25.67 -1.47
CA VAL B 174 8.44 -26.46 -0.84
C VAL B 174 7.17 -25.61 -0.77
N THR B 175 6.07 -26.15 -1.28
CA THR B 175 4.81 -25.43 -1.35
C THR B 175 3.71 -26.19 -0.63
N SER B 176 2.81 -25.43 -0.01
CA SER B 176 1.63 -25.96 0.66
C SER B 176 0.41 -25.22 0.13
N SER B 177 -0.58 -25.98 -0.32
CA SER B 177 -1.76 -25.45 -0.99
C SER B 177 -3.01 -25.90 -0.26
N GLY B 178 -4.17 -25.49 -0.79
CA GLY B 178 -5.46 -25.78 -0.22
C GLY B 178 -6.08 -27.11 -0.61
N ASP B 179 -5.35 -27.94 -1.35
CA ASP B 179 -5.84 -29.25 -1.76
C ASP B 179 -5.33 -30.38 -0.85
N THR B 180 -5.08 -30.06 0.41
CA THR B 180 -4.71 -31.03 1.44
C THR B 180 -3.41 -31.78 1.12
N THR B 181 -2.56 -31.22 0.27
CA THR B 181 -1.31 -31.85 -0.11
C THR B 181 -0.17 -30.84 -0.08
N CYS B 182 1.03 -31.34 0.19
CA CYS B 182 2.25 -30.54 0.14
C CYS B 182 3.15 -31.07 -0.96
N ALA B 183 3.94 -30.18 -1.57
CA ALA B 183 4.76 -30.58 -2.71
C ALA B 183 6.17 -30.02 -2.56
N LEU B 184 7.13 -30.75 -3.10
CA LEU B 184 8.51 -30.30 -3.24
C LEU B 184 8.86 -30.28 -4.72
N TRP B 185 9.32 -29.14 -5.20
CA TRP B 185 9.52 -28.93 -6.64
C TRP B 185 10.99 -28.86 -6.99
N ASP B 186 11.26 -28.72 -8.29
CA ASP B 186 12.59 -28.55 -8.83
C ASP B 186 12.48 -27.49 -9.91
N ILE B 187 13.11 -26.33 -9.68
CA ILE B 187 12.83 -25.16 -10.50
C ILE B 187 13.31 -25.35 -11.93
N GLU B 188 14.50 -25.92 -12.11
CA GLU B 188 15.07 -26.00 -13.46
C GLU B 188 14.25 -26.92 -14.36
N THR B 189 13.69 -27.99 -13.80
CA THR B 189 12.86 -28.90 -14.57
C THR B 189 11.39 -28.45 -14.61
N GLY B 190 10.86 -28.02 -13.48
CA GLY B 190 9.49 -27.59 -13.38
C GLY B 190 8.49 -28.64 -12.98
N GLN B 191 8.93 -29.77 -12.45
CA GLN B 191 8.06 -30.88 -12.09
C GLN B 191 8.27 -31.25 -10.63
N GLN B 192 7.20 -31.76 -10.02
CA GLN B 192 7.27 -32.19 -8.62
C GLN B 192 8.20 -33.39 -8.47
N THR B 193 8.93 -33.43 -7.36
CA THR B 193 9.78 -34.56 -7.03
C THR B 193 9.30 -35.35 -5.82
N THR B 194 8.47 -34.75 -4.97
CA THR B 194 7.94 -35.44 -3.81
C THR B 194 6.61 -34.81 -3.42
N THR B 195 5.65 -35.65 -3.03
CA THR B 195 4.33 -35.20 -2.63
C THR B 195 4.00 -35.78 -1.25
N PHE B 196 3.55 -34.92 -0.35
CA PHE B 196 3.19 -35.30 1.01
C PHE B 196 1.68 -35.24 1.16
N THR B 197 1.09 -36.35 1.59
CA THR B 197 -0.36 -36.47 1.76
C THR B 197 -0.66 -37.06 3.13
N GLY B 198 -1.87 -36.83 3.60
CA GLY B 198 -2.29 -37.35 4.89
C GLY B 198 -3.19 -36.42 5.67
N HIS B 199 -3.32 -35.18 5.20
CA HIS B 199 -4.19 -34.21 5.84
C HIS B 199 -5.62 -34.31 5.30
N THR B 200 -6.58 -34.14 6.20
CA THR B 200 -7.98 -34.17 5.83
C THR B 200 -8.47 -32.81 5.36
N GLY B 201 -8.15 -31.75 6.11
CA GLY B 201 -8.50 -30.41 5.73
C GLY B 201 -7.37 -29.68 5.02
N ASP B 202 -7.64 -28.43 4.67
CA ASP B 202 -6.65 -27.61 3.98
C ASP B 202 -5.46 -27.33 4.89
N VAL B 203 -4.30 -27.14 4.25
CA VAL B 203 -3.05 -26.85 4.96
C VAL B 203 -2.81 -25.36 4.91
N MET B 204 -2.48 -24.76 6.07
CA MET B 204 -2.37 -23.32 6.17
C MET B 204 -0.96 -22.79 6.23
N SER B 205 -0.04 -23.43 6.97
CA SER B 205 1.29 -22.89 7.13
C SER B 205 2.30 -24.02 7.28
N LEU B 206 3.55 -23.72 6.95
CA LEU B 206 4.67 -24.63 7.15
C LEU B 206 5.88 -23.85 7.60
N SER B 207 6.78 -24.53 8.32
CA SER B 207 8.03 -23.94 8.76
C SER B 207 9.15 -24.94 8.53
N LEU B 208 10.34 -24.43 8.21
CA LEU B 208 11.50 -25.25 7.88
C LEU B 208 12.46 -25.30 9.05
N ALA B 209 13.03 -26.48 9.27
CA ALA B 209 14.02 -26.65 10.32
C ALA B 209 15.32 -25.93 9.94
N PRO B 210 16.09 -25.47 10.93
CA PRO B 210 17.33 -24.75 10.61
C PRO B 210 18.37 -25.59 9.86
N ASP B 211 18.32 -26.91 9.96
CA ASP B 211 19.27 -27.76 9.29
C ASP B 211 18.85 -28.13 7.87
N THR B 212 17.69 -27.65 7.43
CA THR B 212 17.20 -27.88 6.07
C THR B 212 17.08 -29.38 5.78
N ARG B 213 16.41 -30.08 6.70
CA ARG B 213 16.15 -31.51 6.53
C ARG B 213 14.74 -31.94 6.90
N LEU B 214 14.04 -31.20 7.75
CA LEU B 214 12.69 -31.57 8.18
C LEU B 214 11.82 -30.32 8.15
N PHE B 215 10.50 -30.53 8.09
CA PHE B 215 9.58 -29.41 8.16
C PHE B 215 8.23 -29.85 8.71
N VAL B 216 7.59 -28.96 9.46
CA VAL B 216 6.28 -29.22 10.06
C VAL B 216 5.24 -28.38 9.35
N SER B 217 4.01 -28.89 9.34
CA SER B 217 2.90 -28.20 8.69
C SER B 217 1.65 -28.33 9.55
N GLY B 218 0.74 -27.37 9.38
CA GLY B 218 -0.50 -27.35 10.13
C GLY B 218 -1.71 -27.31 9.22
N ALA B 219 -2.77 -28.00 9.64
CA ALA B 219 -3.95 -28.17 8.80
C ALA B 219 -5.18 -27.64 9.53
N CYS B 220 -6.28 -27.54 8.78
CA CYS B 220 -7.55 -27.06 9.33
C CYS B 220 -8.28 -28.12 10.15
N ASP B 221 -7.78 -29.36 10.18
CA ASP B 221 -8.36 -30.40 11.03
C ASP B 221 -7.80 -30.38 12.44
N ALA B 222 -7.23 -29.24 12.87
CA ALA B 222 -6.65 -29.07 14.20
C ALA B 222 -5.55 -30.10 14.45
N SER B 223 -4.57 -30.11 13.54
CA SER B 223 -3.46 -31.05 13.64
C SER B 223 -2.22 -30.46 12.97
N ALA B 224 -1.06 -30.97 13.40
CA ALA B 224 0.23 -30.64 12.82
C ALA B 224 0.97 -31.92 12.52
N LYS B 225 1.75 -31.92 11.44
CA LYS B 225 2.47 -33.11 11.01
C LYS B 225 3.91 -32.76 10.67
N LEU B 226 4.82 -33.67 11.02
CA LEU B 226 6.24 -33.53 10.73
C LEU B 226 6.60 -34.38 9.52
N TRP B 227 7.37 -33.81 8.59
CA TRP B 227 7.76 -34.48 7.37
C TRP B 227 9.26 -34.36 7.17
N ASP B 228 9.84 -35.37 6.52
CA ASP B 228 11.26 -35.40 6.20
C ASP B 228 11.43 -35.22 4.69
N VAL B 229 12.33 -34.31 4.31
CA VAL B 229 12.51 -33.98 2.90
C VAL B 229 13.05 -35.18 2.12
N ARG B 230 14.05 -35.87 2.68
CA ARG B 230 14.72 -36.94 1.94
C ARG B 230 13.79 -38.12 1.69
N GLU B 231 13.31 -38.75 2.76
CA GLU B 231 12.40 -39.89 2.59
C GLU B 231 11.09 -39.45 1.95
N GLY B 232 10.56 -38.29 2.33
CA GLY B 232 9.33 -37.81 1.75
C GLY B 232 8.07 -38.37 2.37
N MET B 233 8.14 -38.87 3.60
CA MET B 233 7.01 -39.49 4.26
C MET B 233 6.97 -39.07 5.72
N CYS B 234 5.77 -39.08 6.30
CA CYS B 234 5.53 -38.48 7.61
C CYS B 234 6.20 -39.28 8.72
N ARG B 235 6.46 -38.59 9.83
CA ARG B 235 7.08 -39.20 11.01
C ARG B 235 6.26 -39.05 12.27
N GLN B 236 5.70 -37.88 12.54
CA GLN B 236 4.98 -37.65 13.79
C GLN B 236 3.79 -36.73 13.55
N THR B 237 2.77 -36.87 14.40
CA THR B 237 1.55 -36.08 14.34
C THR B 237 1.22 -35.54 15.73
N PHE B 238 0.85 -34.26 15.78
CA PHE B 238 0.53 -33.58 17.03
C PHE B 238 -0.89 -33.02 16.95
N THR B 239 -1.67 -33.24 17.99
CA THR B 239 -3.03 -32.75 18.11
C THR B 239 -3.21 -32.08 19.46
N GLY B 240 -4.35 -31.41 19.63
CA GLY B 240 -4.66 -30.76 20.88
C GLY B 240 -5.43 -29.46 20.74
N HIS B 241 -5.38 -28.87 19.54
CA HIS B 241 -6.10 -27.64 19.29
C HIS B 241 -7.59 -27.92 19.10
N GLU B 242 -8.39 -26.85 19.14
CA GLU B 242 -9.83 -26.95 19.01
C GLU B 242 -10.39 -26.24 17.78
N SER B 243 -9.53 -25.67 16.93
CA SER B 243 -9.99 -24.97 15.74
C SER B 243 -8.87 -24.99 14.71
N ASP B 244 -9.01 -24.15 13.68
CA ASP B 244 -8.01 -24.09 12.61
C ASP B 244 -6.68 -23.55 13.13
N ILE B 245 -5.60 -24.08 12.58
CA ILE B 245 -4.25 -23.60 12.88
C ILE B 245 -3.84 -22.62 11.78
N ASN B 246 -3.40 -21.43 12.17
CA ASN B 246 -3.12 -20.37 11.21
C ASN B 246 -1.64 -20.05 11.04
N ALA B 247 -0.80 -20.37 12.03
CA ALA B 247 0.61 -20.04 11.93
C ALA B 247 1.43 -21.09 12.69
N ILE B 248 2.70 -21.21 12.31
CA ILE B 248 3.60 -22.18 12.90
C ILE B 248 5.03 -21.68 12.72
N CYS B 249 5.89 -22.03 13.66
CA CYS B 249 7.28 -21.56 13.63
C CYS B 249 8.14 -22.48 14.50
N PHE B 250 9.37 -22.70 14.05
CA PHE B 250 10.33 -23.52 14.78
C PHE B 250 11.01 -22.72 15.90
N PHE B 251 11.47 -23.45 16.91
CA PHE B 251 12.39 -22.90 17.88
C PHE B 251 13.76 -22.70 17.24
N PRO B 252 14.54 -21.71 17.70
CA PRO B 252 15.89 -21.54 17.16
C PRO B 252 16.77 -22.78 17.34
N ASN B 253 16.59 -23.51 18.44
CA ASN B 253 17.35 -24.74 18.64
C ASN B 253 16.96 -25.79 17.61
N GLY B 254 15.67 -25.90 17.29
CA GLY B 254 15.19 -26.91 16.38
C GLY B 254 14.53 -28.11 17.03
N ASN B 255 14.38 -28.10 18.36
CA ASN B 255 13.77 -29.20 19.08
C ASN B 255 12.35 -28.91 19.54
N ALA B 256 11.76 -27.80 19.11
CA ALA B 256 10.41 -27.44 19.52
C ALA B 256 9.81 -26.50 18.48
N PHE B 257 8.49 -26.34 18.54
CA PHE B 257 7.80 -25.41 17.67
C PHE B 257 6.51 -24.94 18.33
N ALA B 258 6.07 -23.75 17.95
CA ALA B 258 4.89 -23.12 18.53
C ALA B 258 3.80 -23.00 17.46
N THR B 259 2.55 -23.25 17.88
CA THR B 259 1.41 -23.22 16.99
C THR B 259 0.36 -22.24 17.51
N GLY B 260 -0.25 -21.51 16.59
CA GLY B 260 -1.33 -20.59 16.90
C GLY B 260 -2.59 -20.96 16.16
N SER B 261 -3.72 -20.91 16.87
CA SER B 261 -5.00 -21.32 16.32
C SER B 261 -6.01 -20.17 16.39
N ASP B 262 -7.25 -20.47 16.00
CA ASP B 262 -8.32 -19.49 15.95
C ASP B 262 -9.14 -19.50 17.24
N ASP B 263 -8.83 -20.38 18.19
CA ASP B 263 -9.57 -20.48 19.43
C ASP B 263 -8.90 -19.72 20.57
N ALA B 264 -8.10 -18.69 20.24
CA ALA B 264 -7.45 -17.83 21.22
C ALA B 264 -6.56 -18.62 22.17
N THR B 265 -5.59 -19.32 21.58
CA THR B 265 -4.67 -20.15 22.35
C THR B 265 -3.44 -20.45 21.50
N CYS B 266 -2.26 -20.29 22.08
CA CYS B 266 -1.02 -20.72 21.47
C CYS B 266 -0.43 -21.88 22.27
N ARG B 267 0.22 -22.81 21.58
CA ARG B 267 0.78 -23.98 22.24
C ARG B 267 2.24 -24.18 21.82
N LEU B 268 3.03 -24.76 22.72
CA LEU B 268 4.42 -25.07 22.43
C LEU B 268 4.60 -26.58 22.55
N PHE B 269 5.13 -27.21 21.49
CA PHE B 269 5.28 -28.65 21.44
C PHE B 269 6.75 -29.04 21.60
N ASP B 270 7.01 -30.35 21.56
CA ASP B 270 8.36 -30.88 21.61
C ASP B 270 8.47 -32.04 20.63
N LEU B 271 9.68 -32.29 20.15
CA LEU B 271 9.93 -33.31 19.14
C LEU B 271 10.26 -34.67 19.76
N ARG B 272 11.19 -34.70 20.72
CA ARG B 272 11.55 -35.97 21.33
C ARG B 272 10.38 -36.58 22.08
N ALA B 273 9.64 -35.76 22.83
CA ALA B 273 8.43 -36.19 23.51
C ALA B 273 7.23 -35.48 22.90
N ASP B 274 6.28 -36.26 22.39
CA ASP B 274 5.09 -35.70 21.72
C ASP B 274 4.04 -35.38 22.76
N GLN B 275 4.20 -34.22 23.40
CA GLN B 275 3.32 -33.78 24.46
C GLN B 275 3.05 -32.29 24.32
N GLU B 276 2.22 -31.76 25.21
CA GLU B 276 1.97 -30.33 25.32
C GLU B 276 2.89 -29.79 26.42
N LEU B 277 3.74 -28.83 26.07
CA LEU B 277 4.66 -28.27 27.05
C LEU B 277 4.04 -27.10 27.80
N MET B 278 3.63 -26.06 27.08
CA MET B 278 2.96 -24.94 27.72
C MET B 278 1.95 -24.32 26.75
N THR B 279 0.90 -23.74 27.32
CA THR B 279 -0.15 -23.06 26.59
C THR B 279 -0.21 -21.60 27.02
N TYR B 280 -0.48 -20.73 26.04
CA TYR B 280 -0.55 -19.29 26.25
C TYR B 280 -1.95 -18.82 25.87
N SER B 281 -2.67 -18.27 26.85
CA SER B 281 -4.01 -17.76 26.64
C SER B 281 -4.39 -16.87 27.82
N HIS B 282 -5.40 -16.04 27.60
CA HIS B 282 -5.89 -15.13 28.64
C HIS B 282 -7.41 -15.05 28.56
N ASP B 283 -8.01 -14.65 29.68
CA ASP B 283 -9.46 -14.53 29.74
C ASP B 283 -9.96 -13.29 29.00
N ASN B 284 -9.13 -12.26 28.89
CA ASN B 284 -9.54 -11.01 28.28
C ASN B 284 -9.45 -11.05 26.76
N ILE B 285 -8.91 -12.12 26.19
CA ILE B 285 -8.77 -12.26 24.74
C ILE B 285 -9.63 -13.43 24.28
N ILE B 286 -10.50 -13.17 23.31
CA ILE B 286 -11.41 -14.19 22.78
C ILE B 286 -11.31 -14.19 21.26
N CYS B 287 -10.18 -13.72 20.74
CA CYS B 287 -9.96 -13.60 19.31
C CYS B 287 -8.82 -14.50 18.86
N GLY B 288 -8.78 -14.79 17.56
CA GLY B 288 -7.83 -15.72 17.01
C GLY B 288 -6.44 -15.15 16.84
N ILE B 289 -5.52 -16.03 16.45
CA ILE B 289 -4.11 -15.69 16.25
C ILE B 289 -3.79 -15.86 14.77
N THR B 290 -3.10 -14.89 14.19
CA THR B 290 -2.73 -14.92 12.78
C THR B 290 -1.28 -15.28 12.54
N SER B 291 -0.34 -14.73 13.30
CA SER B 291 1.07 -14.97 13.09
C SER B 291 1.77 -15.21 14.43
N VAL B 292 2.78 -16.07 14.41
CA VAL B 292 3.57 -16.40 15.59
C VAL B 292 5.04 -16.42 15.20
N SER B 293 5.89 -15.80 16.02
CA SER B 293 7.33 -15.79 15.76
C SER B 293 8.09 -15.85 17.08
N PHE B 294 9.36 -16.25 16.98
CA PHE B 294 10.24 -16.42 18.13
C PHE B 294 11.31 -15.33 18.13
N SER B 295 12.17 -15.39 19.13
CA SER B 295 13.30 -14.49 19.28
C SER B 295 14.60 -15.25 19.05
N LYS B 296 15.69 -14.49 18.96
CA LYS B 296 16.98 -15.09 18.64
C LYS B 296 17.44 -16.03 19.76
N SER B 297 17.24 -15.63 21.02
CA SER B 297 17.64 -16.45 22.15
C SER B 297 16.59 -17.47 22.57
N GLY B 298 15.36 -17.35 22.07
CA GLY B 298 14.30 -18.26 22.43
C GLY B 298 13.57 -17.94 23.72
N ARG B 299 13.98 -16.87 24.42
CA ARG B 299 13.31 -16.47 25.65
C ARG B 299 12.01 -15.73 25.40
N LEU B 300 11.80 -15.20 24.19
CA LEU B 300 10.76 -14.23 23.94
C LEU B 300 9.92 -14.70 22.77
N LEU B 301 8.59 -14.64 22.91
CA LEU B 301 7.67 -15.10 21.88
C LEU B 301 6.72 -13.97 21.52
N LEU B 302 6.43 -13.82 20.22
CA LEU B 302 5.54 -12.78 19.73
C LEU B 302 4.39 -13.41 18.96
N ALA B 303 3.18 -12.90 19.18
CA ALA B 303 2.01 -13.37 18.45
C ALA B 303 1.10 -12.21 18.10
N GLY B 304 0.65 -12.19 16.85
CA GLY B 304 -0.22 -11.12 16.37
C GLY B 304 -1.66 -11.53 16.21
N TYR B 305 -2.53 -11.01 17.07
CA TYR B 305 -3.95 -11.31 17.00
C TYR B 305 -4.65 -10.39 16.01
N ASP B 306 -5.96 -10.61 15.83
CA ASP B 306 -6.79 -9.78 14.97
C ASP B 306 -7.62 -8.77 15.76
N ASP B 307 -7.30 -8.55 17.04
CA ASP B 307 -7.91 -7.49 17.83
C ASP B 307 -7.14 -6.18 17.74
N PHE B 308 -6.44 -5.96 16.63
CA PHE B 308 -5.78 -4.72 16.24
C PHE B 308 -4.45 -4.48 16.95
N ASN B 309 -3.90 -5.48 17.65
CA ASN B 309 -2.60 -5.31 18.29
C ASN B 309 -1.92 -6.66 18.46
N CYS B 310 -0.61 -6.60 18.70
CA CYS B 310 0.21 -7.77 18.94
C CYS B 310 0.38 -7.99 20.44
N ASN B 311 0.99 -9.13 20.79
CA ASN B 311 1.21 -9.45 22.18
C ASN B 311 2.49 -10.25 22.32
N VAL B 312 3.11 -10.15 23.49
CA VAL B 312 4.45 -10.64 23.74
C VAL B 312 4.45 -11.48 25.01
N TRP B 313 5.14 -12.61 24.98
CA TRP B 313 5.22 -13.53 26.11
C TRP B 313 6.65 -13.92 26.43
N ASP B 314 6.87 -14.21 27.72
CA ASP B 314 8.05 -14.94 28.16
C ASP B 314 7.80 -16.43 27.90
N ALA B 315 8.66 -17.03 27.07
CA ALA B 315 8.43 -18.39 26.60
C ALA B 315 8.58 -19.45 27.68
N LEU B 316 9.13 -19.10 28.85
CA LEU B 316 9.39 -20.09 29.89
C LEU B 316 8.44 -20.00 31.07
N LYS B 317 7.65 -18.93 31.20
CA LYS B 317 6.74 -18.78 32.32
C LYS B 317 5.33 -18.38 31.92
N ALA B 318 5.09 -18.10 30.63
CA ALA B 318 3.75 -17.83 30.11
C ALA B 318 3.11 -16.63 30.80
N ASP B 319 3.77 -15.48 30.71
CA ASP B 319 3.27 -14.22 31.23
C ASP B 319 3.48 -13.13 30.18
N ARG B 320 2.49 -12.26 30.04
CA ARG B 320 2.62 -11.16 29.09
C ARG B 320 3.66 -10.16 29.58
N ALA B 321 4.50 -9.69 28.66
CA ALA B 321 5.60 -8.78 29.00
C ALA B 321 5.71 -7.67 27.98
N GLY B 322 4.58 -7.10 27.58
CA GLY B 322 4.57 -5.98 26.66
C GLY B 322 3.52 -6.13 25.58
N VAL B 323 3.01 -4.99 25.10
CA VAL B 323 1.99 -4.94 24.06
C VAL B 323 2.44 -3.96 22.99
N LEU B 324 2.49 -4.43 21.75
CA LEU B 324 2.84 -3.59 20.60
C LEU B 324 1.58 -3.05 19.92
N ALA B 325 0.79 -2.30 20.68
CA ALA B 325 -0.48 -1.78 20.19
C ALA B 325 -0.23 -0.50 19.41
N GLY B 326 -0.17 -0.61 18.09
CA GLY B 326 0.02 0.56 17.24
C GLY B 326 -0.68 0.49 15.90
N HIS B 327 -1.53 -0.52 15.71
CA HIS B 327 -2.19 -0.76 14.43
C HIS B 327 -3.68 -0.47 14.53
N ASP B 328 -4.27 -0.11 13.40
CA ASP B 328 -5.69 0.25 13.32
C ASP B 328 -6.57 -0.85 12.73
N ASN B 329 -6.00 -2.03 12.46
CA ASN B 329 -6.78 -3.11 11.88
C ASN B 329 -6.10 -4.43 12.26
N ARG B 330 -6.57 -5.52 11.66
CA ARG B 330 -6.07 -6.85 12.01
C ARG B 330 -4.62 -7.02 11.59
N VAL B 331 -3.82 -7.60 12.48
CA VAL B 331 -2.43 -7.92 12.18
C VAL B 331 -2.38 -9.25 11.43
N SER B 332 -1.73 -9.26 10.27
CA SER B 332 -1.68 -10.44 9.42
C SER B 332 -0.30 -11.09 9.35
N CYS B 333 0.77 -10.30 9.35
CA CYS B 333 2.11 -10.84 9.17
C CYS B 333 3.07 -10.20 10.17
N LEU B 334 4.02 -11.02 10.65
CA LEU B 334 4.99 -10.58 11.63
C LEU B 334 6.30 -11.31 11.38
N GLY B 335 7.41 -10.58 11.49
CA GLY B 335 8.71 -11.16 11.21
C GLY B 335 9.77 -10.63 12.17
N VAL B 336 10.83 -11.42 12.32
CA VAL B 336 11.96 -11.10 13.18
C VAL B 336 13.25 -11.30 12.39
N THR B 337 14.18 -10.36 12.52
CA THR B 337 15.42 -10.41 11.76
C THR B 337 16.30 -11.57 12.22
N ASP B 338 17.24 -11.96 11.36
CA ASP B 338 18.14 -13.05 11.67
C ASP B 338 19.05 -12.69 12.84
N ASP B 339 19.54 -11.46 12.88
CA ASP B 339 20.40 -11.00 13.96
C ASP B 339 19.63 -10.55 15.19
N GLY B 340 18.30 -10.57 15.14
CA GLY B 340 17.48 -10.20 16.29
C GLY B 340 17.58 -8.75 16.69
N MET B 341 17.70 -7.84 15.72
CA MET B 341 17.84 -6.42 16.03
C MET B 341 16.48 -5.71 16.10
N ALA B 342 15.51 -6.13 15.28
CA ALA B 342 14.22 -5.48 15.24
C ALA B 342 13.17 -6.47 14.77
N VAL B 343 11.90 -6.10 14.97
CA VAL B 343 10.77 -6.89 14.49
C VAL B 343 9.96 -6.02 13.54
N ALA B 344 9.21 -6.68 12.66
CA ALA B 344 8.37 -6.01 11.68
C ALA B 344 6.96 -6.56 11.76
N THR B 345 5.98 -5.68 11.62
CA THR B 345 4.57 -6.06 11.69
C THR B 345 3.81 -5.40 10.54
N GLY B 346 3.00 -6.19 9.84
CA GLY B 346 2.12 -5.68 8.82
C GLY B 346 0.66 -5.94 9.18
N SER B 347 -0.26 -5.19 8.58
CA SER B 347 -1.66 -5.29 8.95
C SER B 347 -2.54 -4.98 7.74
N TRP B 348 -3.84 -4.93 7.98
CA TRP B 348 -4.83 -4.73 6.93
C TRP B 348 -5.05 -3.26 6.58
N ASP B 349 -4.37 -2.34 7.26
CA ASP B 349 -4.50 -0.92 6.98
C ASP B 349 -3.42 -0.39 6.04
N SER B 350 -2.70 -1.30 5.37
CA SER B 350 -1.69 -0.95 4.38
C SER B 350 -0.53 -0.19 5.01
N PHE B 351 0.01 -0.74 6.10
CA PHE B 351 1.12 -0.12 6.81
C PHE B 351 2.02 -1.20 7.37
N LEU B 352 3.34 -0.98 7.28
CA LEU B 352 4.33 -1.79 7.95
C LEU B 352 5.00 -0.97 9.04
N LYS B 353 5.26 -1.60 10.18
CA LYS B 353 5.91 -0.93 11.30
C LYS B 353 7.10 -1.75 11.79
N ILE B 354 8.19 -1.05 12.07
CA ILE B 354 9.42 -1.65 12.60
C ILE B 354 9.57 -1.26 14.05
N TRP B 355 9.75 -2.25 14.92
CA TRP B 355 9.88 -2.04 16.35
C TRP B 355 11.25 -2.50 16.81
N ASN B 356 11.86 -1.74 17.71
CA ASN B 356 13.18 -2.04 18.22
C ASN B 356 13.26 -1.77 19.72
N THR C 6 -11.51 -52.37 -3.87
CA THR C 6 -10.40 -52.61 -2.94
C THR C 6 -9.81 -51.29 -2.43
N ALA C 7 -10.46 -50.18 -2.80
CA ALA C 7 -9.98 -48.87 -2.37
C ALA C 7 -10.16 -48.67 -0.87
N SER C 8 -11.30 -49.07 -0.32
CA SER C 8 -11.57 -48.87 1.10
C SER C 8 -10.59 -49.67 1.96
N ILE C 9 -10.39 -50.95 1.61
CA ILE C 9 -9.45 -51.76 2.37
C ILE C 9 -8.03 -51.26 2.20
N ALA C 10 -7.68 -50.74 1.02
CA ALA C 10 -6.36 -50.16 0.84
C ALA C 10 -6.16 -48.94 1.73
N GLN C 11 -7.16 -48.07 1.81
CA GLN C 11 -7.06 -46.90 2.68
C GLN C 11 -6.96 -47.32 4.14
N ALA C 12 -7.74 -48.33 4.55
CA ALA C 12 -7.66 -48.82 5.91
C ALA C 12 -6.29 -49.40 6.21
N ARG C 13 -5.71 -50.13 5.25
CA ARG C 13 -4.37 -50.68 5.42
C ARG C 13 -3.34 -49.57 5.54
N LYS C 14 -3.47 -48.52 4.73
CA LYS C 14 -2.57 -47.39 4.85
C LYS C 14 -2.67 -46.74 6.22
N LEU C 15 -3.90 -46.56 6.72
CA LEU C 15 -4.07 -45.93 8.03
C LEU C 15 -3.50 -46.81 9.15
N VAL C 16 -3.73 -48.12 9.09
CA VAL C 16 -3.21 -48.98 10.14
C VAL C 16 -1.69 -49.09 10.05
N GLU C 17 -1.11 -49.00 8.84
CA GLU C 17 0.34 -48.96 8.73
C GLU C 17 0.91 -47.67 9.31
N GLN C 18 0.22 -46.56 9.08
CA GLN C 18 0.61 -45.30 9.71
C GLN C 18 0.57 -45.42 11.23
N LEU C 19 -0.45 -46.10 11.76
CA LEU C 19 -0.53 -46.30 13.20
C LEU C 19 0.55 -47.25 13.71
N LYS C 20 0.92 -48.25 12.90
CA LYS C 20 2.08 -49.08 13.22
C LYS C 20 3.33 -48.23 13.37
N MET C 21 3.56 -47.34 12.40
CA MET C 21 4.75 -46.49 12.46
C MET C 21 4.71 -45.55 13.66
N GLU C 22 3.57 -44.92 13.92
CA GLU C 22 3.48 -43.91 14.96
C GLU C 22 3.61 -44.50 16.36
N ALA C 23 3.42 -45.80 16.52
CA ALA C 23 3.55 -46.46 17.81
C ALA C 23 4.89 -47.15 17.99
N ASN C 24 5.91 -46.74 17.23
CA ASN C 24 7.24 -47.34 17.27
C ASN C 24 8.31 -46.26 17.41
N ILE C 25 8.09 -45.34 18.35
CA ILE C 25 9.03 -44.25 18.61
C ILE C 25 9.38 -44.24 20.08
N ASP C 26 10.57 -43.73 20.39
CA ASP C 26 11.04 -43.63 21.77
C ASP C 26 10.56 -42.32 22.40
N ARG C 27 10.52 -42.32 23.73
CA ARG C 27 10.07 -41.17 24.49
C ARG C 27 11.06 -40.89 25.62
N ILE C 28 11.12 -39.61 26.01
CA ILE C 28 11.99 -39.16 27.09
C ILE C 28 11.16 -38.35 28.08
N LYS C 29 11.73 -38.17 29.27
CA LYS C 29 11.05 -37.42 30.31
C LYS C 29 10.93 -35.95 29.92
N VAL C 30 9.81 -35.34 30.34
CA VAL C 30 9.58 -33.92 30.05
C VAL C 30 10.59 -33.05 30.76
N SER C 31 11.08 -33.49 31.93
CA SER C 31 12.05 -32.70 32.68
C SER C 31 13.33 -32.49 31.88
N LYS C 32 13.77 -33.51 31.13
CA LYS C 32 14.96 -33.37 30.32
C LYS C 32 14.77 -32.29 29.24
N ALA C 33 13.62 -32.29 28.57
CA ALA C 33 13.37 -31.28 27.56
C ALA C 33 13.29 -29.87 28.16
N ALA C 34 12.64 -29.76 29.33
CA ALA C 34 12.59 -28.46 30.00
C ALA C 34 13.99 -27.98 30.38
N ALA C 35 14.82 -28.88 30.89
CA ALA C 35 16.19 -28.51 31.25
C ALA C 35 16.98 -28.08 30.02
N ASP C 36 16.80 -28.79 28.89
CA ASP C 36 17.50 -28.40 27.66
C ASP C 36 17.08 -27.02 27.20
N LEU C 37 15.78 -26.73 27.24
CA LEU C 37 15.30 -25.41 26.84
C LEU C 37 15.86 -24.33 27.75
N MET C 38 15.84 -24.58 29.07
CA MET C 38 16.40 -23.62 30.01
C MET C 38 17.89 -23.39 29.76
N ALA C 39 18.63 -24.47 29.49
CA ALA C 39 20.06 -24.33 29.24
C ALA C 39 20.33 -23.50 28.01
N TYR C 40 19.59 -23.75 26.93
CA TYR C 40 19.78 -22.95 25.71
C TYR C 40 19.46 -21.49 25.97
N CYS C 41 18.35 -21.22 26.67
CA CYS C 41 17.96 -19.84 26.93
C CYS C 41 19.02 -19.12 27.77
N GLU C 42 19.50 -19.79 28.82
CA GLU C 42 20.50 -19.16 29.69
C GLU C 42 21.81 -18.94 28.94
N ALA C 43 22.20 -19.90 28.08
CA ALA C 43 23.45 -19.77 27.34
C ALA C 43 23.40 -18.62 26.34
N HIS C 44 22.28 -18.47 25.62
CA HIS C 44 22.22 -17.49 24.54
C HIS C 44 21.45 -16.22 24.91
N ALA C 45 21.13 -16.03 26.19
CA ALA C 45 20.46 -14.79 26.59
C ALA C 45 21.37 -13.57 26.49
N LYS C 46 22.68 -13.76 26.35
CA LYS C 46 23.58 -12.61 26.36
C LYS C 46 23.50 -11.80 25.08
N GLU C 47 23.29 -12.46 23.94
CA GLU C 47 23.35 -11.81 22.63
C GLU C 47 21.96 -11.56 22.05
N ASP C 48 21.00 -11.21 22.91
CA ASP C 48 19.65 -10.89 22.47
C ASP C 48 19.40 -9.39 22.60
N PRO C 49 19.42 -8.64 21.50
CA PRO C 49 19.15 -7.19 21.60
C PRO C 49 17.78 -6.86 22.16
N LEU C 50 16.77 -7.68 21.87
CA LEU C 50 15.43 -7.40 22.36
C LEU C 50 15.30 -7.67 23.86
N LEU C 51 15.90 -8.77 24.34
CA LEU C 51 15.81 -9.09 25.76
C LEU C 51 16.55 -8.06 26.60
N THR C 52 17.80 -7.76 26.24
CA THR C 52 18.57 -6.71 26.90
C THR C 52 18.81 -5.58 25.91
N PRO C 53 18.20 -4.40 26.11
CA PRO C 53 18.34 -3.33 25.13
C PRO C 53 19.79 -2.93 24.93
N VAL C 54 20.18 -2.74 23.67
CA VAL C 54 21.54 -2.37 23.30
C VAL C 54 21.68 -0.86 23.40
N PRO C 55 22.89 -0.34 23.62
CA PRO C 55 23.08 1.11 23.60
C PRO C 55 22.86 1.69 22.21
N ALA C 56 22.52 2.98 22.19
CA ALA C 56 22.22 3.66 20.93
C ALA C 56 23.41 3.75 20.00
N SER C 57 24.64 3.52 20.50
CA SER C 57 25.81 3.56 19.63
C SER C 57 25.79 2.42 18.62
N GLU C 58 25.37 1.22 19.05
CA GLU C 58 25.37 0.05 18.18
C GLU C 58 23.98 -0.30 17.67
N ASN C 59 23.02 0.63 17.76
CA ASN C 59 21.68 0.38 17.28
C ASN C 59 21.51 1.01 15.91
N PRO C 60 21.33 0.22 14.85
CA PRO C 60 21.20 0.81 13.50
C PRO C 60 19.85 1.45 13.23
N PHE C 61 18.86 1.25 14.10
CA PHE C 61 17.52 1.80 13.91
C PHE C 61 17.26 3.03 14.74
N ARG C 62 18.30 3.64 15.31
CA ARG C 62 18.13 4.83 16.14
C ARG C 62 17.59 6.00 15.33
N THR D 32 -18.77 57.24 27.05
CA THR D 32 -19.43 56.02 27.48
C THR D 32 -19.80 55.13 26.29
N LEU D 33 -20.03 53.85 26.57
CA LEU D 33 -20.38 52.90 25.52
C LEU D 33 -21.89 52.93 25.28
N ARG D 34 -22.35 52.05 24.38
CA ARG D 34 -23.75 51.95 24.02
C ARG D 34 -24.18 50.49 24.01
N VAL D 35 -25.50 50.29 23.87
CA VAL D 35 -26.05 48.94 24.01
C VAL D 35 -25.55 47.98 22.93
N PRO D 36 -25.61 48.31 21.63
CA PRO D 36 -25.15 47.32 20.63
C PRO D 36 -23.69 46.94 20.76
N ASP D 37 -22.84 47.87 21.21
CA ASP D 37 -21.40 47.62 21.23
C ASP D 37 -21.04 46.49 22.18
N ILE D 38 -21.68 46.44 23.35
CA ILE D 38 -21.35 45.40 24.33
C ILE D 38 -21.71 44.03 23.80
N LEU D 39 -22.90 43.90 23.20
CA LEU D 39 -23.33 42.62 22.65
C LEU D 39 -22.40 42.19 21.51
N ALA D 40 -22.05 43.14 20.63
CA ALA D 40 -21.14 42.81 19.54
C ALA D 40 -19.78 42.37 20.07
N LEU D 41 -19.31 43.03 21.13
CA LEU D 41 -18.01 42.68 21.72
C LEU D 41 -18.02 41.28 22.30
N VAL D 42 -19.09 40.94 23.03
CA VAL D 42 -19.20 39.61 23.63
C VAL D 42 -19.26 38.55 22.53
N ILE D 43 -20.03 38.82 21.47
CA ILE D 43 -20.13 37.86 20.38
C ILE D 43 -18.77 37.68 19.70
N PHE D 44 -18.01 38.75 19.58
CA PHE D 44 -16.72 38.53 18.89
C PHE D 44 -15.82 37.73 19.83
N ALA D 45 -15.87 37.94 21.15
CA ALA D 45 -15.02 37.12 22.01
C ALA D 45 -15.37 35.64 21.87
N VAL D 46 -16.67 35.31 21.99
CA VAL D 46 -17.04 33.90 21.97
C VAL D 46 -16.75 33.28 20.60
N VAL D 47 -17.05 34.00 19.52
CA VAL D 47 -16.79 33.46 18.18
C VAL D 47 -15.30 33.32 17.96
N PHE D 48 -14.49 34.24 18.50
CA PHE D 48 -13.05 34.14 18.32
C PHE D 48 -12.51 32.86 18.96
N LEU D 49 -12.83 32.64 20.24
CA LEU D 49 -12.34 31.42 20.88
C LEU D 49 -12.83 30.16 20.17
N VAL D 50 -14.14 30.06 19.95
CA VAL D 50 -14.67 28.82 19.40
C VAL D 50 -14.16 28.58 17.99
N GLY D 51 -14.11 29.63 17.17
CA GLY D 51 -13.65 29.48 15.81
C GLY D 51 -12.18 29.11 15.72
N VAL D 52 -11.33 29.75 16.54
CA VAL D 52 -9.92 29.39 16.52
C VAL D 52 -9.73 27.94 16.88
N LEU D 53 -10.37 27.49 17.97
CA LEU D 53 -10.20 26.09 18.38
C LEU D 53 -10.69 25.13 17.32
N GLY D 54 -11.93 25.33 16.85
CA GLY D 54 -12.49 24.41 15.87
C GLY D 54 -11.75 24.41 14.56
N ASN D 55 -11.35 25.58 14.07
CA ASN D 55 -10.62 25.66 12.80
C ASN D 55 -9.26 24.98 12.91
N ALA D 56 -8.54 25.19 14.03
CA ALA D 56 -7.26 24.52 14.19
C ALA D 56 -7.43 23.01 14.18
N LEU D 57 -8.39 22.50 14.94
CA LEU D 57 -8.61 21.05 14.99
C LEU D 57 -8.98 20.51 13.61
N VAL D 58 -9.89 21.19 12.92
CA VAL D 58 -10.37 20.73 11.62
C VAL D 58 -9.25 20.75 10.60
N VAL D 59 -8.43 21.81 10.58
CA VAL D 59 -7.38 21.90 9.58
C VAL D 59 -6.32 20.83 9.84
N TRP D 60 -6.02 20.55 11.11
CA TRP D 60 -5.08 19.46 11.39
C TRP D 60 -5.63 18.13 10.88
N VAL D 61 -6.89 17.82 11.22
CA VAL D 61 -7.47 16.52 10.85
C VAL D 61 -7.54 16.38 9.33
N THR D 62 -7.96 17.42 8.63
CA THR D 62 -8.12 17.32 7.18
C THR D 62 -6.78 17.38 6.46
N ALA D 63 -5.76 18.02 7.04
CA ALA D 63 -4.44 17.99 6.43
C ALA D 63 -3.77 16.64 6.63
N PHE D 64 -4.16 15.91 7.67
CA PHE D 64 -3.64 14.55 7.84
C PHE D 64 -4.00 13.66 6.66
N GLU D 65 -5.25 13.75 6.19
CA GLU D 65 -5.78 12.84 5.17
C GLU D 65 -6.13 13.58 3.88
N ALA D 66 -5.27 14.49 3.44
CA ALA D 66 -5.51 15.27 2.24
C ALA D 66 -4.83 14.70 1.01
N LYS D 67 -4.17 13.54 1.13
CA LYS D 67 -3.45 12.95 0.01
C LYS D 67 -4.20 11.85 -0.70
N ARG D 68 -5.07 11.11 0.01
CA ARG D 68 -5.77 9.99 -0.57
C ARG D 68 -7.27 10.22 -0.79
N THR D 69 -7.85 11.23 -0.17
CA THR D 69 -9.29 11.49 -0.26
C THR D 69 -9.52 12.77 -1.04
N ILE D 70 -10.38 12.69 -2.06
CA ILE D 70 -10.70 13.87 -2.86
C ILE D 70 -11.61 14.82 -2.08
N ASN D 71 -12.48 14.28 -1.22
CA ASN D 71 -13.42 15.14 -0.49
C ASN D 71 -12.70 16.02 0.52
N ALA D 72 -11.58 15.53 1.08
CA ALA D 72 -10.92 16.27 2.15
C ALA D 72 -10.38 17.62 1.69
N ILE D 73 -9.81 17.67 0.49
CA ILE D 73 -9.19 18.90 0.01
C ILE D 73 -10.20 20.00 -0.29
N TRP D 74 -11.49 19.66 -0.36
CA TRP D 74 -12.52 20.69 -0.42
C TRP D 74 -12.59 21.45 0.90
N PHE D 75 -12.72 20.70 2.00
CA PHE D 75 -12.94 21.33 3.29
C PHE D 75 -11.64 21.88 3.87
N LEU D 76 -10.49 21.38 3.39
CA LEU D 76 -9.20 21.89 3.85
C LEU D 76 -9.05 23.39 3.59
N ASN D 77 -9.33 23.79 2.34
CA ASN D 77 -9.22 25.20 1.98
C ASN D 77 -10.20 26.05 2.75
N LEU D 78 -11.42 25.54 2.94
CA LEU D 78 -12.43 26.28 3.70
C LEU D 78 -11.98 26.50 5.13
N ALA D 79 -11.43 25.45 5.75
CA ALA D 79 -10.94 25.57 7.13
C ALA D 79 -9.79 26.57 7.21
N VAL D 80 -8.87 26.53 6.24
CA VAL D 80 -7.74 27.45 6.24
C VAL D 80 -8.23 28.89 6.12
N ALA D 81 -9.16 29.13 5.19
CA ALA D 81 -9.69 30.48 5.00
C ALA D 81 -10.42 30.96 6.25
N ASP D 82 -11.20 30.06 6.87
CA ASP D 82 -11.94 30.43 8.08
C ASP D 82 -10.98 30.78 9.22
N PHE D 83 -9.91 30.00 9.38
CA PHE D 83 -8.92 30.28 10.41
C PHE D 83 -8.24 31.62 10.17
N LEU D 84 -7.85 31.87 8.92
CA LEU D 84 -7.22 33.16 8.60
C LEU D 84 -8.18 34.32 8.80
N SER D 85 -9.48 34.12 8.59
CA SER D 85 -10.46 35.17 8.86
C SER D 85 -10.59 35.42 10.36
N CYS D 86 -10.61 34.36 11.15
CA CYS D 86 -10.82 34.50 12.59
C CYS D 86 -9.55 34.97 13.31
N LEU D 87 -8.38 34.80 12.69
CA LEU D 87 -7.13 35.14 13.37
C LEU D 87 -6.95 36.64 13.53
N ALA D 88 -7.52 37.44 12.63
CA ALA D 88 -7.36 38.89 12.66
C ALA D 88 -8.35 39.58 13.58
N LEU D 89 -9.21 38.82 14.26
CA LEU D 89 -10.24 39.42 15.11
C LEU D 89 -9.69 40.23 16.28
N PRO D 90 -8.71 39.76 17.07
CA PRO D 90 -8.33 40.52 18.28
C PRO D 90 -7.82 41.93 18.00
N ILE D 91 -7.21 42.17 16.84
CA ILE D 91 -6.77 43.52 16.50
C ILE D 91 -7.97 44.44 16.34
N LEU D 92 -9.02 43.97 15.67
CA LEU D 92 -10.26 44.73 15.57
C LEU D 92 -10.91 44.89 16.94
N PHE D 93 -10.78 43.85 17.78
CA PHE D 93 -11.23 43.91 19.17
C PHE D 93 -10.60 45.09 19.91
N THR D 94 -9.27 45.22 19.84
CA THR D 94 -8.61 46.31 20.52
C THR D 94 -8.78 47.65 19.82
N SER D 95 -9.12 47.65 18.54
CA SER D 95 -9.47 48.90 17.87
C SER D 95 -10.89 49.35 18.21
N ILE D 96 -11.73 48.44 18.69
CA ILE D 96 -13.09 48.78 19.10
C ILE D 96 -13.14 49.20 20.57
N VAL D 97 -12.41 48.49 21.43
CA VAL D 97 -12.50 48.76 22.87
C VAL D 97 -11.98 50.16 23.20
N GLN D 98 -11.05 50.68 22.40
CA GLN D 98 -10.40 51.97 22.68
C GLN D 98 -11.19 53.16 22.14
N HIS D 99 -12.50 53.01 21.93
CA HIS D 99 -13.36 54.10 21.44
C HIS D 99 -12.94 54.56 20.05
N HIS D 100 -12.82 53.61 19.13
CA HIS D 100 -12.48 53.93 17.73
C HIS D 100 -11.12 54.63 17.68
N HIS D 101 -10.11 54.04 18.30
CA HIS D 101 -8.75 54.55 18.23
C HIS D 101 -7.90 53.59 17.42
N TRP D 102 -6.99 54.13 16.61
CA TRP D 102 -6.19 53.36 15.65
C TRP D 102 -4.71 53.62 15.90
N PRO D 103 -4.11 52.98 16.91
CA PRO D 103 -2.68 53.13 17.18
C PRO D 103 -1.82 52.11 16.45
N PHE D 104 -2.02 52.00 15.13
CA PHE D 104 -1.26 51.06 14.32
C PHE D 104 -0.48 51.74 13.21
N GLY D 105 -1.10 52.64 12.46
CA GLY D 105 -0.42 53.32 11.38
C GLY D 105 -1.18 53.27 10.07
N GLY D 106 -0.87 54.19 9.17
CA GLY D 106 -1.58 54.24 7.89
C GLY D 106 -1.38 52.99 7.05
N ALA D 107 -0.16 52.45 7.06
CA ALA D 107 0.15 51.27 6.25
C ALA D 107 -0.67 50.07 6.70
N ALA D 108 -0.83 49.90 8.01
CA ALA D 108 -1.54 48.73 8.54
C ALA D 108 -3.00 48.74 8.10
N CYS D 109 -3.67 49.90 8.17
CA CYS D 109 -5.09 49.94 7.85
C CYS D 109 -5.35 49.70 6.38
N SER D 110 -4.38 49.98 5.52
CA SER D 110 -4.55 49.76 4.09
C SER D 110 -4.44 48.29 3.71
N ILE D 111 -4.03 47.41 4.63
CA ILE D 111 -3.84 46.00 4.32
C ILE D 111 -4.65 45.12 5.25
N LEU D 112 -4.46 45.29 6.57
CA LEU D 112 -5.03 44.36 7.53
C LEU D 112 -6.56 44.35 7.52
N PRO D 113 -7.27 45.49 7.61
CA PRO D 113 -8.73 45.43 7.50
C PRO D 113 -9.21 44.89 6.17
N SER D 114 -8.47 45.13 5.08
CA SER D 114 -8.82 44.62 3.77
C SER D 114 -8.32 43.19 3.56
N LEU D 115 -7.65 42.61 4.53
CA LEU D 115 -7.21 41.21 4.45
C LEU D 115 -8.22 40.26 5.07
N ALA D 116 -9.13 40.75 5.91
CA ALA D 116 -10.19 39.94 6.49
C ALA D 116 -11.46 39.95 5.66
N LEU D 117 -11.49 40.71 4.56
CA LEU D 117 -12.63 40.73 3.66
C LEU D 117 -12.55 39.65 2.59
N LEU D 118 -11.34 39.25 2.19
CA LEU D 118 -11.18 38.19 1.21
C LEU D 118 -11.55 36.83 1.78
N ASN D 119 -11.28 36.63 3.08
CA ASN D 119 -11.46 35.33 3.73
C ASN D 119 -12.92 35.04 4.06
N MET D 120 -13.85 35.88 3.63
CA MET D 120 -15.28 35.60 3.73
C MET D 120 -15.88 35.27 2.37
N TYR D 121 -15.54 36.06 1.35
CA TYR D 121 -15.94 35.73 -0.01
C TYR D 121 -15.32 34.42 -0.48
N ALA D 122 -14.10 34.12 -0.05
CA ALA D 122 -13.51 32.83 -0.37
C ALA D 122 -14.34 31.69 0.20
N SER D 123 -14.78 31.82 1.45
CA SER D 123 -15.61 30.78 2.07
C SER D 123 -16.95 30.64 1.36
N ILE D 124 -17.56 31.78 1.00
CA ILE D 124 -18.85 31.72 0.31
C ILE D 124 -18.71 31.01 -1.03
N LEU D 125 -17.71 31.38 -1.82
CA LEU D 125 -17.49 30.73 -3.10
C LEU D 125 -17.14 29.26 -2.95
N LEU D 126 -16.41 28.90 -1.88
CA LEU D 126 -16.11 27.50 -1.64
C LEU D 126 -17.36 26.70 -1.33
N LEU D 127 -18.27 27.26 -0.54
CA LEU D 127 -19.54 26.60 -0.29
C LEU D 127 -20.33 26.39 -1.58
N ALA D 128 -20.37 27.42 -2.43
CA ALA D 128 -21.06 27.28 -3.70
C ALA D 128 -20.44 26.18 -4.56
N THR D 129 -19.10 26.13 -4.60
CA THR D 129 -18.43 25.12 -5.40
C THR D 129 -18.68 23.71 -4.86
N ILE D 130 -18.70 23.56 -3.53
CA ILE D 130 -18.99 22.25 -2.94
C ILE D 130 -20.40 21.81 -3.30
N SER D 131 -21.37 22.72 -3.24
CA SER D 131 -22.74 22.38 -3.63
C SER D 131 -22.81 21.94 -5.09
N ALA D 132 -22.13 22.68 -5.97
CA ALA D 132 -22.11 22.32 -7.38
C ALA D 132 -21.48 20.95 -7.58
N ASP D 133 -20.40 20.66 -6.85
CA ASP D 133 -19.74 19.36 -6.97
C ASP D 133 -20.67 18.23 -6.52
N ARG D 134 -21.39 18.42 -5.41
CA ARG D 134 -22.30 17.38 -4.94
C ARG D 134 -23.42 17.14 -5.95
N PHE D 135 -23.98 18.22 -6.50
CA PHE D 135 -25.01 18.08 -7.52
C PHE D 135 -24.49 17.33 -8.74
N LEU D 136 -23.27 17.66 -9.18
CA LEU D 136 -22.69 17.00 -10.33
C LEU D 136 -22.26 15.57 -10.03
N LEU D 137 -22.09 15.21 -8.76
CA LEU D 137 -21.89 13.81 -8.41
C LEU D 137 -23.19 13.01 -8.48
N VAL D 138 -24.28 13.58 -7.95
CA VAL D 138 -25.54 12.84 -7.93
C VAL D 138 -26.10 12.68 -9.34
N PHE D 139 -26.13 13.75 -10.12
CA PHE D 139 -26.51 13.66 -11.52
C PHE D 139 -25.28 13.30 -12.35
N LYS D 140 -25.47 12.44 -13.36
CA LYS D 140 -24.38 12.00 -14.22
C LYS D 140 -23.26 11.37 -13.41
N PRO D 141 -23.47 10.18 -12.82
CA PRO D 141 -22.40 9.55 -12.04
C PRO D 141 -21.39 8.77 -12.87
N ILE D 142 -21.77 8.30 -14.05
CA ILE D 142 -20.85 7.55 -14.89
C ILE D 142 -19.68 8.43 -15.32
N TRP D 143 -19.98 9.70 -15.66
CA TRP D 143 -18.90 10.63 -16.00
C TRP D 143 -18.00 10.91 -14.80
N CYS D 144 -18.56 10.90 -13.59
CA CYS D 144 -17.75 11.11 -12.40
C CYS D 144 -16.93 9.89 -12.01
N GLN D 145 -17.32 8.70 -12.48
CA GLN D 145 -16.52 7.51 -12.24
C GLN D 145 -15.27 7.45 -13.11
N ASN D 146 -15.30 8.06 -14.29
CA ASN D 146 -14.20 7.97 -15.24
C ASN D 146 -13.31 9.21 -15.28
N PHE D 147 -13.89 10.40 -15.19
CA PHE D 147 -13.14 11.64 -15.41
C PHE D 147 -13.12 12.53 -14.19
N ARG D 148 -12.94 11.96 -13.00
CA ARG D 148 -12.76 12.71 -11.77
C ARG D 148 -11.35 12.48 -11.23
N GLY D 149 -10.71 13.56 -10.80
CA GLY D 149 -9.39 13.46 -10.20
C GLY D 149 -9.19 14.58 -9.20
N ALA D 150 -8.05 14.52 -8.51
CA ALA D 150 -7.72 15.57 -7.55
C ALA D 150 -7.29 16.85 -8.25
N GLY D 151 -6.75 16.74 -9.46
CA GLY D 151 -6.33 17.92 -10.19
C GLY D 151 -7.50 18.85 -10.51
N LEU D 152 -8.63 18.29 -10.91
CA LEU D 152 -9.81 19.10 -11.19
C LEU D 152 -10.29 19.83 -9.94
N ALA D 153 -10.28 19.14 -8.79
CA ALA D 153 -10.68 19.78 -7.54
C ALA D 153 -9.72 20.90 -7.18
N TRP D 154 -8.42 20.68 -7.36
CA TRP D 154 -7.44 21.73 -7.05
C TRP D 154 -7.62 22.94 -7.97
N ILE D 155 -7.89 22.69 -9.26
CA ILE D 155 -8.13 23.79 -10.19
C ILE D 155 -9.37 24.58 -9.80
N ALA D 156 -10.45 23.87 -9.43
CA ALA D 156 -11.66 24.55 -9.00
C ALA D 156 -11.42 25.39 -7.75
N CYS D 157 -10.68 24.84 -6.78
CA CYS D 157 -10.36 25.60 -5.57
C CYS D 157 -9.51 26.82 -5.89
N ALA D 158 -8.55 26.68 -6.80
CA ALA D 158 -7.72 27.82 -7.18
C ALA D 158 -8.55 28.90 -7.85
N VAL D 159 -9.49 28.51 -8.71
CA VAL D 159 -10.36 29.48 -9.38
C VAL D 159 -11.23 30.20 -8.35
N ALA D 160 -11.78 29.44 -7.39
CA ALA D 160 -12.59 30.05 -6.35
C ALA D 160 -11.79 31.04 -5.51
N TRP D 161 -10.55 30.68 -5.16
CA TRP D 161 -9.68 31.59 -4.42
C TRP D 161 -9.38 32.85 -5.24
N GLY D 162 -9.08 32.67 -6.52
CA GLY D 162 -8.72 33.81 -7.36
C GLY D 162 -9.87 34.77 -7.59
N LEU D 163 -11.09 34.25 -7.67
CA LEU D 163 -12.24 35.10 -7.94
C LEU D 163 -12.50 36.10 -6.84
N ALA D 164 -12.04 35.83 -5.61
CA ALA D 164 -12.22 36.77 -4.51
C ALA D 164 -11.27 37.96 -4.62
N LEU D 165 -10.12 37.78 -5.28
CA LEU D 165 -9.17 38.88 -5.43
C LEU D 165 -9.77 40.02 -6.24
N LEU D 166 -10.57 39.70 -7.25
CA LEU D 166 -11.18 40.74 -8.07
C LEU D 166 -12.11 41.61 -7.24
N LEU D 167 -12.86 40.99 -6.32
CA LEU D 167 -13.73 41.77 -5.44
C LEU D 167 -12.94 42.52 -4.38
N THR D 168 -11.80 41.96 -3.95
CA THR D 168 -11.02 42.59 -2.88
C THR D 168 -10.23 43.79 -3.38
N ILE D 169 -9.82 43.79 -4.66
CA ILE D 169 -8.98 44.88 -5.18
C ILE D 169 -9.57 46.26 -4.96
N PRO D 170 -10.87 46.51 -5.21
CA PRO D 170 -11.41 47.86 -4.94
C PRO D 170 -11.30 48.28 -3.48
N SER D 171 -11.26 47.33 -2.54
CA SER D 171 -10.99 47.69 -1.15
C SER D 171 -9.55 48.14 -0.98
N PHE D 172 -8.60 47.48 -1.67
CA PHE D 172 -7.21 47.90 -1.63
C PHE D 172 -7.03 49.30 -2.19
N LEU D 173 -7.70 49.59 -3.31
CA LEU D 173 -7.39 50.78 -4.09
C LEU D 173 -7.97 52.08 -3.55
N TYR D 174 -8.95 52.02 -2.64
CA TYR D 174 -9.68 53.22 -2.24
C TYR D 174 -9.84 53.31 -0.73
N ARG D 175 -8.74 53.14 0.00
CA ARG D 175 -8.74 53.31 1.45
C ARG D 175 -7.65 54.29 1.87
N VAL D 176 -8.02 55.26 2.71
CA VAL D 176 -7.10 56.28 3.17
C VAL D 176 -7.23 56.41 4.69
N VAL D 177 -6.40 57.28 5.26
CA VAL D 177 -6.32 57.50 6.71
C VAL D 177 -6.44 59.00 6.98
N ARG D 178 -7.26 59.36 7.95
CA ARG D 178 -7.47 60.74 8.35
C ARG D 178 -6.93 60.96 9.76
N GLU D 179 -6.11 62.00 9.91
CA GLU D 179 -5.63 62.46 11.21
C GLU D 179 -6.47 63.66 11.61
N GLU D 180 -7.24 63.53 12.69
CA GLU D 180 -8.25 64.51 13.06
C GLU D 180 -7.61 65.45 14.09
N VAL D 186 -7.52 59.38 15.33
CA VAL D 186 -7.06 58.89 14.04
C VAL D 186 -8.11 57.92 13.52
N LEU D 187 -8.56 58.13 12.29
CA LEU D 187 -9.53 57.25 11.65
C LEU D 187 -8.96 56.77 10.33
N CYS D 188 -9.53 55.69 9.80
CA CYS D 188 -9.13 55.22 8.48
C CYS D 188 -10.30 54.49 7.84
N GLY D 189 -10.52 54.77 6.56
CA GLY D 189 -11.65 54.16 5.88
C GLY D 189 -11.63 54.48 4.40
N VAL D 190 -12.73 54.12 3.74
CA VAL D 190 -12.87 54.36 2.31
C VAL D 190 -13.25 55.82 2.09
N ASP D 191 -12.66 56.43 1.05
CA ASP D 191 -12.91 57.83 0.71
C ASP D 191 -13.08 57.92 -0.80
N TYR D 192 -14.34 57.87 -1.25
CA TYR D 192 -14.67 58.05 -2.67
C TYR D 192 -14.87 59.54 -2.98
N SER D 193 -13.81 60.30 -2.78
CA SER D 193 -13.85 61.74 -3.01
C SER D 193 -14.13 62.03 -4.48
N HIS D 194 -15.23 62.72 -4.74
CA HIS D 194 -15.74 63.07 -6.08
C HIS D 194 -16.19 61.84 -6.85
N ASP D 195 -16.07 60.65 -6.29
CA ASP D 195 -16.41 59.41 -6.98
C ASP D 195 -17.74 58.88 -6.47
N LYS D 196 -18.73 58.80 -7.37
CA LYS D 196 -20.04 58.28 -7.01
C LYS D 196 -20.40 57.07 -7.86
N ARG D 197 -20.18 57.17 -9.17
CA ARG D 197 -20.57 56.08 -10.07
C ARG D 197 -19.81 54.79 -9.76
N ARG D 198 -18.50 54.90 -9.51
CA ARG D 198 -17.71 53.71 -9.22
C ARG D 198 -18.16 53.06 -7.91
N GLU D 199 -18.47 53.87 -6.89
CA GLU D 199 -18.95 53.32 -5.63
C GLU D 199 -20.25 52.55 -5.83
N ARG D 200 -21.20 53.15 -6.56
CA ARG D 200 -22.46 52.48 -6.82
C ARG D 200 -22.24 51.18 -7.59
N ALA D 201 -21.38 51.22 -8.61
CA ALA D 201 -21.15 50.05 -9.43
C ALA D 201 -20.53 48.92 -8.61
N VAL D 202 -19.52 49.24 -7.80
CA VAL D 202 -18.84 48.20 -7.04
C VAL D 202 -19.77 47.63 -5.98
N ALA D 203 -20.58 48.48 -5.34
CA ALA D 203 -21.55 47.98 -4.36
C ALA D 203 -22.56 47.05 -5.01
N ILE D 204 -23.09 47.46 -6.17
CA ILE D 204 -24.10 46.64 -6.84
C ILE D 204 -23.52 45.30 -7.25
N VAL D 205 -22.32 45.31 -7.85
CA VAL D 205 -21.71 44.05 -8.30
C VAL D 205 -21.42 43.15 -7.11
N ARG D 206 -20.83 43.72 -6.05
CA ARG D 206 -20.53 42.98 -4.84
C ARG D 206 -21.77 42.28 -4.32
N LEU D 207 -22.84 43.06 -4.12
CA LEU D 207 -24.09 42.49 -3.61
C LEU D 207 -24.61 41.40 -4.52
N VAL D 208 -24.87 41.74 -5.79
CA VAL D 208 -25.58 40.81 -6.68
C VAL D 208 -24.80 39.51 -6.80
N LEU D 209 -23.51 39.58 -7.14
CA LEU D 209 -22.75 38.35 -7.28
C LEU D 209 -22.70 37.62 -5.94
N GLY D 210 -22.00 38.21 -4.97
CA GLY D 210 -21.62 37.50 -3.76
C GLY D 210 -22.77 37.09 -2.87
N PHE D 211 -23.99 37.56 -3.15
CA PHE D 211 -25.13 37.04 -2.41
C PHE D 211 -26.09 36.26 -3.28
N LEU D 212 -26.56 36.83 -4.40
CA LEU D 212 -27.59 36.17 -5.19
C LEU D 212 -27.07 34.91 -5.86
N TRP D 213 -25.83 34.94 -6.40
CA TRP D 213 -25.39 33.78 -7.17
C TRP D 213 -25.18 32.55 -6.30
N PRO D 214 -24.37 32.59 -5.23
CA PRO D 214 -24.23 31.37 -4.40
C PRO D 214 -25.51 30.90 -3.76
N LEU D 215 -26.39 31.83 -3.34
CA LEU D 215 -27.64 31.43 -2.69
C LEU D 215 -28.53 30.69 -3.66
N LEU D 216 -28.69 31.22 -4.87
CA LEU D 216 -29.49 30.55 -5.89
C LEU D 216 -28.90 29.19 -6.26
N THR D 217 -27.58 29.13 -6.40
CA THR D 217 -26.94 27.84 -6.70
C THR D 217 -27.21 26.83 -5.59
N LEU D 218 -27.03 27.24 -4.34
CA LEU D 218 -27.30 26.37 -3.21
C LEU D 218 -28.73 25.85 -3.25
N THR D 219 -29.70 26.75 -3.39
CA THR D 219 -31.11 26.35 -3.32
C THR D 219 -31.46 25.39 -4.46
N ILE D 220 -31.10 25.74 -5.69
CA ILE D 220 -31.47 24.91 -6.83
C ILE D 220 -30.81 23.54 -6.73
N CYS D 221 -29.50 23.52 -6.45
CA CYS D 221 -28.78 22.25 -6.40
C CYS D 221 -29.31 21.36 -5.29
N TYR D 222 -29.60 21.93 -4.12
CA TYR D 222 -30.06 21.11 -3.00
C TYR D 222 -31.49 20.62 -3.22
N THR D 223 -32.35 21.44 -3.81
CA THR D 223 -33.69 20.97 -4.11
C THR D 223 -33.65 19.80 -5.11
N PHE D 224 -32.86 19.95 -6.17
CA PHE D 224 -32.76 18.86 -7.16
C PHE D 224 -32.14 17.62 -6.56
N ILE D 225 -31.10 17.78 -5.72
CA ILE D 225 -30.45 16.62 -5.11
C ILE D 225 -31.42 15.89 -4.19
N LEU D 226 -32.22 16.64 -3.42
CA LEU D 226 -33.19 16.01 -2.54
C LEU D 226 -34.25 15.26 -3.34
N LEU D 227 -34.75 15.87 -4.42
CA LEU D 227 -35.78 15.22 -5.23
C LEU D 227 -35.25 13.93 -5.83
N ARG D 228 -34.06 13.96 -6.44
CA ARG D 228 -33.54 12.74 -7.07
C ARG D 228 -33.16 11.69 -6.03
N THR D 229 -32.66 12.11 -4.87
CA THR D 229 -32.33 11.15 -3.82
C THR D 229 -33.58 10.45 -3.30
N TRP D 230 -34.68 11.20 -3.13
CA TRP D 230 -35.91 10.63 -2.62
C TRP D 230 -36.76 10.00 -3.72
N SER D 231 -36.32 10.06 -4.97
CA SER D 231 -37.05 9.42 -6.07
C SER D 231 -36.83 7.91 -6.16
N ARG D 232 -35.84 7.37 -5.45
CA ARG D 232 -35.57 5.94 -5.45
C ARG D 232 -35.54 5.43 -4.02
N ARG D 233 -36.04 4.21 -3.82
CA ARG D 233 -36.11 3.61 -2.49
C ARG D 233 -34.75 3.19 -1.97
N ALA D 234 -33.76 3.00 -2.85
CA ALA D 234 -32.46 2.51 -2.45
C ALA D 234 -31.60 3.57 -1.77
N THR D 235 -31.75 4.83 -2.18
CA THR D 235 -30.89 5.91 -1.72
C THR D 235 -31.57 6.87 -0.75
N ARG D 236 -32.81 6.59 -0.33
CA ARG D 236 -33.53 7.52 0.52
C ARG D 236 -32.95 7.52 1.94
N SER D 237 -32.86 8.70 2.54
CA SER D 237 -32.39 8.85 3.92
C SER D 237 -32.91 10.17 4.46
N THR D 238 -32.91 10.29 5.78
CA THR D 238 -33.39 11.49 6.46
C THR D 238 -32.28 12.45 6.85
N LYS D 239 -31.02 12.01 6.85
CA LYS D 239 -29.91 12.88 7.22
C LYS D 239 -29.68 13.96 6.18
N THR D 240 -29.91 13.66 4.90
CA THR D 240 -29.69 14.62 3.83
C THR D 240 -30.56 15.86 4.02
N LEU D 241 -31.85 15.65 4.33
CA LEU D 241 -32.75 16.78 4.53
C LEU D 241 -32.29 17.65 5.69
N LYS D 242 -31.90 17.03 6.80
CA LYS D 242 -31.45 17.79 7.96
C LYS D 242 -30.22 18.62 7.63
N VAL D 243 -29.22 18.01 6.99
CA VAL D 243 -27.98 18.72 6.67
C VAL D 243 -28.26 19.88 5.72
N VAL D 244 -29.06 19.62 4.67
CA VAL D 244 -29.33 20.64 3.68
C VAL D 244 -30.07 21.82 4.31
N VAL D 245 -31.11 21.53 5.09
CA VAL D 245 -31.89 22.60 5.71
C VAL D 245 -31.02 23.40 6.67
N ALA D 246 -30.21 22.72 7.48
CA ALA D 246 -29.35 23.42 8.41
C ALA D 246 -28.39 24.36 7.68
N VAL D 247 -27.74 23.86 6.63
CA VAL D 247 -26.75 24.68 5.93
C VAL D 247 -27.41 25.89 5.29
N VAL D 248 -28.51 25.67 4.55
CA VAL D 248 -29.14 26.77 3.83
C VAL D 248 -29.71 27.80 4.80
N ALA D 249 -30.40 27.35 5.85
CA ALA D 249 -30.98 28.28 6.80
C ALA D 249 -29.92 29.08 7.52
N SER D 250 -28.84 28.41 7.96
CA SER D 250 -27.76 29.13 8.64
C SER D 250 -27.18 30.19 7.72
N PHE D 251 -26.86 29.82 6.48
CA PHE D 251 -26.30 30.79 5.53
C PHE D 251 -27.23 31.99 5.36
N PHE D 252 -28.50 31.74 5.07
CA PHE D 252 -29.43 32.83 4.77
C PHE D 252 -29.60 33.76 5.96
N ILE D 253 -29.95 33.20 7.13
CA ILE D 253 -30.23 34.04 8.28
C ILE D 253 -28.98 34.77 8.76
N PHE D 254 -27.82 34.12 8.68
CA PHE D 254 -26.61 34.74 9.21
C PHE D 254 -25.96 35.71 8.23
N TRP D 255 -26.37 35.72 6.95
CA TRP D 255 -25.77 36.64 6.00
C TRP D 255 -26.73 37.72 5.49
N LEU D 256 -28.04 37.60 5.73
CA LEU D 256 -28.95 38.64 5.26
C LEU D 256 -28.70 40.02 5.89
N PRO D 257 -28.59 40.16 7.22
CA PRO D 257 -28.45 41.52 7.79
C PRO D 257 -27.23 42.27 7.27
N TYR D 258 -26.10 41.58 7.11
CA TYR D 258 -24.90 42.23 6.62
C TYR D 258 -25.14 42.89 5.27
N GLN D 259 -25.66 42.14 4.31
CA GLN D 259 -25.88 42.69 2.97
C GLN D 259 -26.94 43.78 2.99
N VAL D 260 -28.05 43.57 3.71
CA VAL D 260 -29.14 44.53 3.65
C VAL D 260 -28.72 45.86 4.28
N THR D 261 -27.91 45.81 5.34
CA THR D 261 -27.41 47.05 5.92
C THR D 261 -26.34 47.69 5.05
N GLY D 262 -25.44 46.88 4.49
CA GLY D 262 -24.35 47.44 3.71
C GLY D 262 -24.80 48.15 2.45
N ILE D 263 -25.77 47.57 1.74
CA ILE D 263 -26.23 48.20 0.52
C ILE D 263 -26.90 49.54 0.82
N MET D 264 -27.69 49.60 1.90
CA MET D 264 -28.33 50.85 2.28
C MET D 264 -27.30 51.88 2.73
N MET D 265 -26.26 51.46 3.44
CA MET D 265 -25.20 52.38 3.83
C MET D 265 -24.50 52.94 2.59
N SER D 266 -24.24 52.08 1.60
CA SER D 266 -23.56 52.52 0.39
C SER D 266 -24.42 53.51 -0.40
N PHE D 267 -25.73 53.26 -0.47
CA PHE D 267 -26.60 54.12 -1.27
C PHE D 267 -26.90 55.46 -0.61
N LEU D 268 -26.93 55.52 0.72
CA LEU D 268 -27.52 56.65 1.43
C LEU D 268 -26.45 57.68 1.81
N GLU D 269 -26.84 58.96 1.73
CA GLU D 269 -25.91 60.06 1.95
C GLU D 269 -25.57 60.17 3.45
N PRO D 270 -24.31 60.44 3.79
CA PRO D 270 -23.93 60.51 5.21
C PRO D 270 -24.72 61.55 6.02
N SER D 271 -25.15 62.65 5.40
CA SER D 271 -25.89 63.70 6.11
C SER D 271 -27.36 63.31 6.20
N SER D 272 -27.64 62.32 7.05
CA SER D 272 -29.00 61.85 7.28
C SER D 272 -29.05 61.09 8.59
N PRO D 273 -30.09 61.30 9.42
CA PRO D 273 -30.18 60.57 10.69
C PRO D 273 -30.24 59.05 10.53
N THR D 274 -30.85 58.57 9.45
CA THR D 274 -30.87 57.13 9.20
C THR D 274 -29.46 56.58 9.03
N PHE D 275 -28.57 57.36 8.42
CA PHE D 275 -27.17 56.96 8.32
C PHE D 275 -26.54 56.84 9.71
N LEU D 276 -26.88 57.77 10.61
CA LEU D 276 -26.38 57.69 11.98
C LEU D 276 -26.89 56.43 12.68
N LEU D 277 -28.17 56.10 12.50
CA LEU D 277 -28.71 54.89 13.11
C LEU D 277 -28.05 53.63 12.55
N LEU D 278 -27.81 53.62 11.24
CA LEU D 278 -27.10 52.50 10.64
C LEU D 278 -25.68 52.39 11.20
N LYS D 279 -25.08 53.52 11.54
CA LYS D 279 -23.67 53.47 12.00
C LYS D 279 -23.72 52.96 13.43
N LYS D 280 -24.78 53.31 14.16
CA LYS D 280 -24.96 52.77 15.51
C LYS D 280 -25.08 51.25 15.48
N LEU D 281 -25.86 50.73 14.52
CA LEU D 281 -26.09 49.29 14.46
C LEU D 281 -25.02 48.52 13.70
N ASP D 282 -24.06 49.22 13.08
CA ASP D 282 -23.09 48.56 12.21
C ASP D 282 -22.25 47.53 12.96
N SER D 283 -21.81 47.84 14.18
CA SER D 283 -20.99 46.90 14.93
C SER D 283 -21.73 45.59 15.18
N LEU D 284 -23.00 45.68 15.58
CA LEU D 284 -23.78 44.47 15.80
C LEU D 284 -24.07 43.74 14.49
N CYS D 285 -24.29 44.49 13.41
CA CYS D 285 -24.55 43.85 12.11
C CYS D 285 -23.34 43.05 11.64
N VAL D 286 -22.14 43.62 11.80
CA VAL D 286 -20.92 42.86 11.52
C VAL D 286 -20.77 41.71 12.49
N SER D 287 -21.24 41.88 13.73
CA SER D 287 -21.09 40.84 14.74
C SER D 287 -21.90 39.59 14.41
N PHE D 288 -22.93 39.73 13.58
CA PHE D 288 -23.82 38.62 13.26
C PHE D 288 -23.37 37.81 12.06
N ALA D 289 -22.23 38.13 11.45
CA ALA D 289 -21.77 37.41 10.28
C ALA D 289 -20.74 36.33 10.62
N TYR D 290 -19.84 36.62 11.57
CA TYR D 290 -18.80 35.66 11.93
C TYR D 290 -19.37 34.41 12.60
N ILE D 291 -20.63 34.46 13.05
CA ILE D 291 -21.24 33.27 13.61
C ILE D 291 -21.36 32.17 12.56
N ASN D 292 -21.49 32.55 11.29
CA ASN D 292 -21.44 31.54 10.22
C ASN D 292 -20.06 30.91 10.13
N CYS D 293 -19.01 31.72 10.30
CA CYS D 293 -17.65 31.18 10.36
C CYS D 293 -17.51 30.20 11.52
N CYS D 294 -18.14 30.51 12.65
CA CYS D 294 -18.16 29.57 13.78
C CYS D 294 -18.90 28.29 13.42
N ILE D 295 -20.04 28.41 12.73
CA ILE D 295 -20.90 27.25 12.48
C ILE D 295 -20.26 26.29 11.47
N ASN D 296 -19.56 26.83 10.47
CA ASN D 296 -19.11 26.02 9.34
C ASN D 296 -18.36 24.74 9.73
N PRO D 297 -17.36 24.77 10.64
CA PRO D 297 -16.68 23.51 10.99
C PRO D 297 -17.49 22.62 11.92
N ILE D 298 -18.46 23.16 12.65
CA ILE D 298 -19.26 22.36 13.57
C ILE D 298 -20.05 21.30 12.80
N ILE D 299 -20.57 21.67 11.62
CA ILE D 299 -21.33 20.71 10.82
C ILE D 299 -20.44 19.55 10.38
N TYR D 300 -19.22 19.85 9.94
CA TYR D 300 -18.29 18.78 9.55
C TYR D 300 -17.95 17.90 10.73
N VAL D 301 -17.73 18.51 11.90
CA VAL D 301 -17.38 17.72 13.09
C VAL D 301 -18.53 16.80 13.48
N VAL D 302 -19.76 17.31 13.45
CA VAL D 302 -20.92 16.55 13.92
C VAL D 302 -21.46 15.62 12.84
N ALA D 303 -21.65 16.12 11.62
CA ALA D 303 -22.23 15.33 10.54
C ALA D 303 -21.19 14.55 9.75
N GLY D 304 -20.03 14.26 10.34
CA GLY D 304 -19.03 13.46 9.70
C GLY D 304 -18.96 12.05 10.26
N GLN D 305 -18.42 11.11 9.50
CA GLN D 305 -18.35 9.73 9.92
C GLN D 305 -17.02 9.47 10.64
N GLY D 306 -17.12 8.98 11.88
CA GLY D 306 -15.95 8.60 12.65
C GLY D 306 -14.95 9.72 12.87
N PHE D 307 -15.44 10.90 13.28
CA PHE D 307 -14.53 12.03 13.50
C PHE D 307 -13.56 11.74 14.65
N GLN D 308 -14.05 11.10 15.71
CA GLN D 308 -13.17 10.75 16.83
C GLN D 308 -12.10 9.76 16.39
N GLY D 309 -12.48 8.78 15.56
CA GLY D 309 -11.50 7.83 15.06
C GLY D 309 -10.44 8.49 14.20
N ARG D 310 -10.85 9.44 13.36
CA ARG D 310 -9.89 10.19 12.55
C ARG D 310 -8.98 11.03 13.43
N LEU D 311 -9.53 11.62 14.49
CA LEU D 311 -8.71 12.41 15.42
C LEU D 311 -7.67 11.54 16.10
N ARG D 312 -8.07 10.34 16.55
CA ARG D 312 -7.10 9.44 17.18
C ARG D 312 -6.11 8.89 16.16
N LYS D 313 -6.49 8.80 14.89
CA LYS D 313 -5.57 8.33 13.87
C LYS D 313 -4.39 9.27 13.71
N SER D 314 -4.63 10.57 13.74
CA SER D 314 -3.56 11.55 13.62
C SER D 314 -2.90 11.83 14.96
N VAL E 3 22.80 -7.06 -25.04
CA VAL E 3 23.05 -5.68 -24.63
C VAL E 3 24.16 -5.06 -25.46
N GLN E 4 23.91 -3.88 -26.00
CA GLN E 4 24.90 -3.19 -26.83
C GLN E 4 24.56 -1.71 -26.92
N LEU E 5 25.61 -0.89 -26.97
CA LEU E 5 25.50 0.55 -27.16
C LEU E 5 26.35 0.93 -28.37
N VAL E 6 25.74 1.65 -29.32
CA VAL E 6 26.42 2.06 -30.54
C VAL E 6 26.45 3.58 -30.61
N GLU E 7 27.65 4.14 -30.79
CA GLU E 7 27.84 5.58 -30.83
C GLU E 7 28.21 6.01 -32.24
N SER E 8 27.76 7.21 -32.62
CA SER E 8 28.02 7.74 -33.95
C SER E 8 27.92 9.27 -33.91
N GLY E 9 28.31 9.89 -35.02
CA GLY E 9 28.28 11.33 -35.15
C GLY E 9 29.61 12.03 -35.07
N GLY E 10 30.72 11.30 -35.01
CA GLY E 10 32.03 11.88 -34.82
C GLY E 10 32.80 12.01 -36.11
N GLY E 11 33.13 13.26 -36.46
CA GLY E 11 33.91 13.52 -37.66
C GLY E 11 34.98 14.58 -37.44
N LEU E 12 35.44 15.19 -38.53
CA LEU E 12 36.43 16.26 -38.48
C LEU E 12 35.73 17.61 -38.57
N VAL E 13 36.10 18.53 -37.67
CA VAL E 13 35.47 19.84 -37.59
C VAL E 13 36.54 20.92 -37.61
N GLN E 14 36.13 22.12 -38.01
CA GLN E 14 37.00 23.28 -37.96
C GLN E 14 37.21 23.72 -36.51
N PRO E 15 38.24 24.55 -36.26
CA PRO E 15 38.48 25.03 -34.89
C PRO E 15 37.27 25.73 -34.28
N GLY E 16 36.40 26.28 -35.11
CA GLY E 16 35.18 26.88 -34.62
C GLY E 16 33.94 26.30 -35.27
N GLY E 17 33.08 25.68 -34.48
CA GLY E 17 31.89 25.03 -35.03
C GLY E 17 31.14 24.29 -33.95
N SER E 18 30.12 23.56 -34.39
CA SER E 18 29.25 22.80 -33.51
C SER E 18 28.96 21.44 -34.13
N ARG E 19 28.69 20.45 -33.27
CA ARG E 19 28.34 19.12 -33.77
C ARG E 19 27.63 18.35 -32.68
N LYS E 20 26.89 17.32 -33.09
CA LYS E 20 26.13 16.49 -32.18
C LYS E 20 26.54 15.03 -32.31
N LEU E 21 26.63 14.35 -31.17
CA LEU E 21 26.93 12.93 -31.08
C LEU E 21 25.69 12.20 -30.57
N SER E 22 25.48 10.99 -31.08
CA SER E 22 24.32 10.19 -30.69
C SER E 22 24.77 8.78 -30.32
N CYS E 23 24.03 8.16 -29.41
CA CYS E 23 24.24 6.75 -29.11
C CYS E 23 22.90 6.07 -28.91
N SER E 24 22.82 4.83 -29.39
CA SER E 24 21.60 4.04 -29.39
C SER E 24 21.83 2.73 -28.65
N ALA E 25 20.82 2.31 -27.90
CA ALA E 25 20.88 1.12 -27.05
C ALA E 25 20.07 -0.01 -27.67
N SER E 26 20.49 -1.25 -27.39
CA SER E 26 19.76 -2.41 -27.86
C SER E 26 20.02 -3.58 -26.93
N GLY E 27 18.99 -4.03 -26.22
CA GLY E 27 19.08 -5.22 -25.38
C GLY E 27 18.78 -5.01 -23.91
N PHE E 28 18.39 -3.81 -23.47
CA PHE E 28 18.13 -3.58 -22.06
C PHE E 28 17.13 -2.44 -21.91
N ALA E 29 16.55 -2.34 -20.71
CA ALA E 29 15.60 -1.29 -20.39
C ALA E 29 16.34 0.03 -20.25
N PHE E 30 16.30 0.85 -21.30
CA PHE E 30 17.07 2.09 -21.32
C PHE E 30 16.48 3.12 -20.36
N SER E 31 15.17 3.10 -20.14
CA SER E 31 14.53 4.15 -19.36
C SER E 31 14.88 4.10 -17.88
N SER E 32 15.41 2.98 -17.39
CA SER E 32 15.71 2.81 -15.98
C SER E 32 17.20 2.94 -15.67
N PHE E 33 18.01 3.40 -16.61
CA PHE E 33 19.46 3.50 -16.44
C PHE E 33 19.91 4.94 -16.64
N GLY E 34 20.76 5.42 -15.73
CA GLY E 34 21.41 6.69 -15.93
C GLY E 34 22.60 6.57 -16.87
N MET E 35 22.94 7.69 -17.52
CA MET E 35 23.95 7.70 -18.57
C MET E 35 25.09 8.64 -18.22
N HIS E 36 26.31 8.21 -18.53
CA HIS E 36 27.52 8.99 -18.33
C HIS E 36 28.27 9.11 -19.65
N TRP E 37 28.90 10.26 -19.86
CA TRP E 37 29.80 10.48 -21.00
C TRP E 37 31.22 10.60 -20.50
N VAL E 38 32.14 9.86 -21.11
CA VAL E 38 33.54 9.82 -20.70
C VAL E 38 34.42 10.14 -21.90
N ARG E 39 35.41 11.02 -21.70
CA ARG E 39 36.30 11.47 -22.75
C ARG E 39 37.72 11.00 -22.46
N GLN E 40 38.37 10.41 -23.46
CA GLN E 40 39.76 9.96 -23.35
C GLN E 40 40.59 10.64 -24.42
N ALA E 41 41.58 11.42 -23.99
CA ALA E 41 42.46 12.12 -24.91
C ALA E 41 43.43 11.14 -25.57
N PRO E 42 43.95 11.46 -26.75
CA PRO E 42 44.91 10.57 -27.40
C PRO E 42 46.20 10.46 -26.60
N GLU E 43 46.61 9.22 -26.36
CA GLU E 43 47.86 8.91 -25.65
C GLU E 43 47.90 9.55 -24.26
N LYS E 44 46.74 9.75 -23.65
CA LYS E 44 46.63 10.36 -22.33
C LYS E 44 45.59 9.59 -21.53
N GLY E 45 45.18 10.16 -20.40
CA GLY E 45 44.17 9.56 -19.57
C GLY E 45 42.76 9.86 -20.05
N LEU E 46 41.79 9.45 -19.25
CA LEU E 46 40.39 9.63 -19.54
C LEU E 46 39.72 10.38 -18.40
N GLU E 47 38.74 11.23 -18.73
CA GLU E 47 38.11 12.09 -17.73
C GLU E 47 36.61 12.14 -17.96
N TRP E 48 35.90 12.47 -16.89
CA TRP E 48 34.43 12.56 -16.90
C TRP E 48 33.97 13.82 -17.62
N VAL E 49 32.79 13.75 -18.24
CA VAL E 49 32.25 14.88 -18.98
C VAL E 49 30.89 15.29 -18.43
N ALA E 50 29.90 14.40 -18.51
CA ALA E 50 28.54 14.76 -18.14
C ALA E 50 27.78 13.53 -17.67
N TYR E 51 26.72 13.77 -16.92
CA TYR E 51 25.87 12.71 -16.37
C TYR E 51 24.41 13.14 -16.42
N ILE E 52 23.55 12.23 -16.87
CA ILE E 52 22.11 12.42 -16.88
C ILE E 52 21.45 11.26 -16.15
N SER E 53 20.44 11.57 -15.34
CA SER E 53 19.81 10.58 -14.48
C SER E 53 18.51 10.07 -15.09
N SER E 54 17.98 9.01 -14.49
CA SER E 54 16.69 8.48 -14.90
C SER E 54 15.59 9.46 -14.55
N GLY E 55 14.68 9.67 -15.49
CA GLY E 55 13.64 10.67 -15.32
C GLY E 55 14.04 12.08 -15.71
N SER E 56 15.29 12.28 -16.14
CA SER E 56 15.78 13.59 -16.56
C SER E 56 15.61 14.64 -15.47
N GLY E 57 15.86 14.25 -14.23
CA GLY E 57 15.72 15.15 -13.10
C GLY E 57 17.02 15.82 -12.71
N THR E 58 18.11 15.06 -12.71
CA THR E 58 19.42 15.56 -12.32
C THR E 58 20.35 15.51 -13.52
N ILE E 59 20.96 16.65 -13.84
CA ILE E 59 21.93 16.76 -14.92
C ILE E 59 23.18 17.43 -14.38
N TYR E 60 24.33 16.78 -14.55
CA TYR E 60 25.60 17.28 -14.03
C TYR E 60 26.61 17.42 -15.16
N TYR E 61 27.35 18.53 -15.16
CA TYR E 61 28.37 18.81 -16.15
C TYR E 61 29.72 18.97 -15.47
N ALA E 62 30.78 18.97 -16.27
CA ALA E 62 32.12 19.24 -15.80
C ALA E 62 32.43 20.72 -15.89
N ASP E 63 33.36 21.18 -15.06
CA ASP E 63 33.71 22.60 -15.03
C ASP E 63 34.34 23.04 -16.35
N THR E 64 35.16 22.18 -16.95
CA THR E 64 35.86 22.54 -18.18
C THR E 64 34.96 22.58 -19.40
N VAL E 65 33.74 22.04 -19.32
CA VAL E 65 32.84 21.98 -20.46
C VAL E 65 31.51 22.64 -20.12
N LYS E 66 31.44 23.26 -18.95
CA LYS E 66 30.20 23.91 -18.52
C LYS E 66 29.87 25.08 -19.42
N GLY E 67 28.61 25.16 -19.87
CA GLY E 67 28.15 26.23 -20.72
C GLY E 67 28.33 25.98 -22.20
N ARG E 68 29.08 24.95 -22.58
CA ARG E 68 29.32 24.63 -23.99
C ARG E 68 28.74 23.30 -24.42
N PHE E 69 28.47 22.40 -23.47
CA PHE E 69 27.97 21.06 -23.77
C PHE E 69 26.54 20.92 -23.27
N THR E 70 25.70 20.24 -24.05
CA THR E 70 24.32 20.00 -23.68
C THR E 70 24.01 18.51 -23.83
N ILE E 71 23.26 17.95 -22.89
CA ILE E 71 22.89 16.55 -22.94
C ILE E 71 21.39 16.44 -23.09
N SER E 72 20.94 15.39 -23.80
CA SER E 72 19.51 15.18 -23.99
C SER E 72 19.25 13.68 -24.15
N ARG E 73 18.03 13.28 -23.81
CA ARG E 73 17.66 11.87 -23.74
C ARG E 73 16.30 11.67 -24.38
N ASP E 74 16.14 10.56 -25.11
CA ASP E 74 14.88 10.21 -25.75
C ASP E 74 14.59 8.76 -25.41
N ASP E 75 13.63 8.54 -24.50
CA ASP E 75 13.33 7.20 -24.02
C ASP E 75 12.44 6.44 -25.00
N PRO E 76 11.42 7.08 -25.60
CA PRO E 76 10.67 6.41 -26.66
C PRO E 76 11.54 5.75 -27.71
N LYS E 77 12.57 6.45 -28.18
CA LYS E 77 13.45 5.95 -29.23
C LYS E 77 14.73 5.33 -28.71
N ASN E 78 14.99 5.43 -27.40
CA ASN E 78 16.18 4.86 -26.77
C ASN E 78 17.45 5.44 -27.39
N THR E 79 17.62 6.76 -27.24
CA THR E 79 18.76 7.42 -27.85
C THR E 79 19.23 8.58 -26.97
N LEU E 80 20.54 8.69 -26.79
CA LEU E 80 21.16 9.74 -26.02
C LEU E 80 21.92 10.68 -26.96
N PHE E 81 21.70 11.99 -26.82
CA PHE E 81 22.34 12.99 -27.65
C PHE E 81 23.22 13.91 -26.80
N LEU E 82 24.34 14.34 -27.39
CA LEU E 82 25.21 15.32 -26.79
C LEU E 82 25.55 16.38 -27.83
N GLN E 83 25.29 17.64 -27.52
CA GLN E 83 25.45 18.75 -28.44
C GLN E 83 26.61 19.62 -27.98
N MET E 84 27.54 19.92 -28.90
CA MET E 84 28.71 20.73 -28.64
C MET E 84 28.59 21.98 -29.50
N THR E 85 28.37 23.14 -28.85
CA THR E 85 28.16 24.38 -29.58
C THR E 85 29.46 25.14 -29.82
N SER E 86 30.38 25.11 -28.86
CA SER E 86 31.67 25.77 -29.01
C SER E 86 32.76 24.76 -28.71
N LEU E 87 33.73 24.65 -29.61
CA LEU E 87 34.81 23.68 -29.49
C LEU E 87 36.15 24.39 -29.58
N ARG E 88 37.03 24.10 -28.62
CA ARG E 88 38.38 24.63 -28.63
C ARG E 88 39.29 23.63 -29.35
N SER E 89 40.61 23.85 -29.27
CA SER E 89 41.57 22.93 -29.86
C SER E 89 41.87 21.74 -28.96
N GLU E 90 41.47 21.80 -27.69
CA GLU E 90 41.73 20.71 -26.74
C GLU E 90 40.63 19.67 -26.71
N ASP E 91 39.55 19.86 -27.47
CA ASP E 91 38.45 18.90 -27.49
C ASP E 91 38.61 17.89 -28.63
N THR E 92 39.77 17.27 -28.70
CA THR E 92 40.04 16.17 -29.64
C THR E 92 40.35 14.93 -28.84
N ALA E 93 39.48 13.93 -28.93
CA ALA E 93 39.55 12.76 -28.05
C ALA E 93 38.63 11.68 -28.59
N MET E 94 38.40 10.65 -27.78
CA MET E 94 37.42 9.61 -28.06
C MET E 94 36.39 9.59 -26.94
N TYR E 95 35.11 9.54 -27.30
CA TYR E 95 34.01 9.64 -26.37
C TYR E 95 33.31 8.29 -26.23
N TYR E 96 33.03 7.92 -24.98
CA TYR E 96 32.36 6.68 -24.62
C TYR E 96 31.11 6.99 -23.81
N CYS E 97 30.16 6.06 -23.85
CA CYS E 97 28.90 6.18 -23.12
C CYS E 97 28.79 5.01 -22.15
N VAL E 98 28.47 5.31 -20.90
CA VAL E 98 28.51 4.33 -19.81
C VAL E 98 27.16 4.27 -19.13
N ARG E 99 26.68 3.07 -18.86
CA ARG E 99 25.46 2.86 -18.10
C ARG E 99 25.73 2.98 -16.60
N SER E 100 24.67 3.28 -15.85
CA SER E 100 24.77 3.29 -14.40
C SER E 100 23.40 3.04 -13.78
N ILE E 101 23.39 2.25 -12.70
CA ILE E 101 22.19 1.97 -11.93
C ILE E 101 22.54 2.17 -10.46
N TYR E 102 21.61 2.73 -9.69
CA TYR E 102 21.87 3.11 -8.31
C TYR E 102 20.75 2.61 -7.41
N TYR E 103 21.04 1.55 -6.66
CA TYR E 103 20.24 1.11 -5.52
C TYR E 103 21.15 0.29 -4.63
N TYR E 104 20.61 -0.21 -3.52
CA TYR E 104 21.41 -1.01 -2.60
C TYR E 104 21.83 -2.31 -3.29
N GLY E 105 23.13 -2.51 -3.42
CA GLY E 105 23.65 -3.70 -4.06
C GLY E 105 23.89 -3.58 -5.54
N SER E 106 23.72 -2.39 -6.12
CA SER E 106 23.94 -2.20 -7.54
C SER E 106 25.42 -2.09 -7.85
N SER E 107 25.75 -2.23 -9.14
CA SER E 107 27.12 -2.18 -9.63
C SER E 107 27.19 -1.18 -10.78
N PRO E 108 27.33 0.11 -10.48
CA PRO E 108 27.39 1.13 -11.53
C PRO E 108 28.67 1.01 -12.36
N PHE E 109 28.63 1.61 -13.54
CA PHE E 109 29.73 1.59 -14.50
C PHE E 109 30.07 0.14 -14.90
N ASP E 110 29.05 -0.55 -15.40
CA ASP E 110 29.16 -1.96 -15.76
C ASP E 110 29.41 -2.17 -17.24
N PHE E 111 28.75 -1.42 -18.10
CA PHE E 111 28.94 -1.52 -19.55
C PHE E 111 29.47 -0.20 -20.09
N TRP E 112 30.43 -0.30 -21.01
CA TRP E 112 31.05 0.87 -21.60
C TRP E 112 30.78 1.01 -23.10
N GLY E 113 30.38 -0.05 -23.78
CA GLY E 113 30.10 0.06 -25.20
C GLY E 113 31.36 0.37 -25.99
N GLN E 114 31.16 1.01 -27.15
CA GLN E 114 32.25 1.43 -28.01
C GLN E 114 32.47 2.93 -27.87
N GLY E 115 33.39 3.46 -28.67
CA GLY E 115 33.71 4.86 -28.63
C GLY E 115 33.65 5.48 -30.01
N THR E 116 33.48 6.80 -30.01
CA THR E 116 33.49 7.59 -31.23
C THR E 116 34.56 8.66 -31.16
N THR E 117 35.30 8.83 -32.25
CA THR E 117 36.43 9.75 -32.27
C THR E 117 36.00 11.13 -32.76
N LEU E 118 36.55 12.17 -32.14
CA LEU E 118 36.29 13.54 -32.57
C LEU E 118 37.61 14.30 -32.57
N THR E 119 37.93 14.92 -33.70
CA THR E 119 39.19 15.63 -33.86
C THR E 119 38.90 17.06 -34.32
N VAL E 120 39.63 18.01 -33.74
CA VAL E 120 39.52 19.42 -34.08
C VAL E 120 40.82 19.86 -34.73
N SER E 121 40.72 20.44 -35.92
CA SER E 121 41.89 20.88 -36.66
C SER E 121 42.24 22.33 -36.35
N SER E 137 38.50 20.88 -2.40
CA SER E 137 37.62 20.90 -3.56
C SER E 137 37.68 19.56 -4.31
N ASP E 138 38.29 19.58 -5.49
CA ASP E 138 38.41 18.37 -6.29
C ASP E 138 39.42 17.41 -5.68
N ILE E 139 39.06 16.13 -5.63
CA ILE E 139 39.93 15.12 -5.06
C ILE E 139 40.97 14.71 -6.09
N VAL E 140 42.24 14.74 -5.69
CA VAL E 140 43.34 14.38 -6.58
C VAL E 140 43.65 12.90 -6.41
N MET E 141 43.63 12.17 -7.51
CA MET E 141 43.97 10.75 -7.54
C MET E 141 45.37 10.59 -8.12
N THR E 142 46.28 10.05 -7.34
CA THR E 142 47.68 9.93 -7.74
C THR E 142 48.09 8.46 -7.78
N GLN E 143 48.70 8.06 -8.89
CA GLN E 143 49.29 6.73 -9.05
C GLN E 143 50.75 6.92 -9.45
N ALA E 144 51.66 6.74 -8.49
CA ALA E 144 53.08 6.97 -8.77
C ALA E 144 53.61 6.01 -9.81
N THR E 145 53.20 4.73 -9.74
CA THR E 145 53.66 3.74 -10.69
C THR E 145 53.12 4.04 -12.08
N SER E 146 53.99 3.91 -13.08
CA SER E 146 53.62 4.14 -14.47
C SER E 146 53.88 2.96 -15.39
N SER E 147 54.80 2.06 -15.04
CA SER E 147 55.09 0.90 -15.85
C SER E 147 55.74 -0.17 -14.97
N VAL E 148 55.37 -1.43 -15.20
CA VAL E 148 55.92 -2.55 -14.44
C VAL E 148 56.12 -3.73 -15.38
N PRO E 149 57.34 -4.22 -15.56
CA PRO E 149 57.54 -5.45 -16.32
C PRO E 149 57.22 -6.69 -15.49
N VAL E 150 56.70 -7.71 -16.18
CA VAL E 150 56.21 -8.91 -15.48
C VAL E 150 56.36 -10.11 -16.41
N THR E 151 56.60 -11.26 -15.79
CA THR E 151 56.63 -12.59 -16.37
C THR E 151 55.44 -13.40 -15.85
N PRO E 152 54.70 -14.10 -16.72
CA PRO E 152 53.51 -14.81 -16.27
C PRO E 152 53.81 -15.81 -15.16
N GLY E 153 52.93 -15.86 -14.18
CA GLY E 153 53.09 -16.75 -13.04
C GLY E 153 53.48 -16.08 -11.74
N GLU E 154 53.53 -14.75 -11.68
CA GLU E 154 53.89 -14.04 -10.47
C GLU E 154 52.87 -12.95 -10.17
N SER E 155 52.68 -12.67 -8.88
CA SER E 155 51.69 -11.68 -8.46
C SER E 155 52.17 -10.27 -8.73
N VAL E 156 51.21 -9.36 -8.94
CA VAL E 156 51.49 -7.95 -9.20
C VAL E 156 50.57 -7.10 -8.33
N SER E 157 51.13 -6.04 -7.74
CA SER E 157 50.37 -5.13 -6.90
C SER E 157 50.44 -3.71 -7.47
N ILE E 158 49.31 -3.03 -7.47
CA ILE E 158 49.20 -1.65 -7.95
C ILE E 158 48.60 -0.81 -6.83
N SER E 159 49.13 0.40 -6.64
CA SER E 159 48.73 1.28 -5.55
C SER E 159 48.05 2.53 -6.08
N CYS E 160 47.04 3.00 -5.36
CA CYS E 160 46.34 4.23 -5.68
C CYS E 160 46.07 5.00 -4.39
N ARG E 161 46.32 6.31 -4.43
CA ARG E 161 46.16 7.17 -3.28
C ARG E 161 45.40 8.43 -3.66
N SER E 162 44.80 9.06 -2.66
CA SER E 162 43.98 10.25 -2.89
C SER E 162 44.43 11.40 -1.99
N SER E 163 43.64 12.47 -1.95
CA SER E 163 43.91 13.61 -1.08
C SER E 163 42.95 13.70 0.10
N LYS E 164 41.76 13.10 0.00
CA LYS E 164 40.79 13.10 1.07
C LYS E 164 40.28 11.67 1.27
N SER E 165 39.94 11.35 2.51
CA SER E 165 39.44 10.01 2.83
C SER E 165 38.14 9.73 2.08
N LEU E 166 38.06 8.57 1.44
CA LEU E 166 36.88 8.17 0.70
C LEU E 166 35.85 7.45 1.57
N LEU E 167 36.15 7.22 2.84
CA LEU E 167 35.20 6.56 3.74
C LEU E 167 34.14 7.54 4.18
N HIS E 168 32.88 7.13 4.08
CA HIS E 168 31.74 7.94 4.48
C HIS E 168 31.20 7.46 5.82
N SER E 169 30.30 8.27 6.40
CA SER E 169 29.71 7.93 7.68
C SER E 169 28.84 6.67 7.62
N ASN E 170 28.35 6.31 6.44
CA ASN E 170 27.53 5.11 6.30
C ASN E 170 28.34 3.82 6.27
N GLY E 171 29.66 3.92 6.16
CA GLY E 171 30.51 2.74 6.17
C GLY E 171 31.01 2.28 4.82
N ASN E 172 30.70 3.01 3.75
CA ASN E 172 31.10 2.62 2.41
C ASN E 172 32.30 3.44 1.94
N THR E 173 33.18 2.80 1.18
CA THR E 173 34.32 3.45 0.55
C THR E 173 34.10 3.45 -0.95
N TYR E 174 34.17 4.63 -1.56
CA TYR E 174 33.80 4.82 -2.96
C TYR E 174 35.07 4.84 -3.82
N LEU E 175 35.56 3.64 -4.13
CA LEU E 175 36.71 3.47 -5.00
C LEU E 175 36.39 2.43 -6.06
N TYR E 176 36.83 2.69 -7.29
CA TYR E 176 36.57 1.80 -8.42
C TYR E 176 37.88 1.51 -9.14
N TRP E 177 38.07 0.24 -9.51
CA TRP E 177 39.22 -0.20 -10.29
C TRP E 177 38.71 -0.80 -11.60
N PHE E 178 39.30 -0.39 -12.72
CA PHE E 178 38.97 -1.04 -13.98
C PHE E 178 40.17 -1.07 -14.92
N LEU E 179 39.98 -1.76 -16.04
CA LEU E 179 41.04 -2.16 -16.96
C LEU E 179 40.73 -1.68 -18.37
N GLN E 180 41.80 -1.41 -19.13
CA GLN E 180 41.70 -1.11 -20.55
C GLN E 180 42.74 -1.93 -21.29
N ARG E 181 42.27 -2.80 -22.18
CA ARG E 181 43.14 -3.58 -23.05
C ARG E 181 43.53 -2.76 -24.27
N PRO E 182 44.64 -3.12 -24.93
CA PRO E 182 45.04 -2.39 -26.14
C PRO E 182 44.02 -2.58 -27.26
N GLY E 183 43.57 -1.47 -27.82
CA GLY E 183 42.56 -1.51 -28.88
C GLY E 183 41.22 -2.05 -28.44
N GLN E 184 40.77 -1.68 -27.24
CA GLN E 184 39.52 -2.19 -26.71
C GLN E 184 38.98 -1.19 -25.68
N SER E 185 37.68 -1.33 -25.37
CA SER E 185 36.96 -0.48 -24.43
C SER E 185 37.23 -0.91 -22.99
N PRO E 186 37.17 0.03 -22.05
CA PRO E 186 37.40 -0.33 -20.64
C PRO E 186 36.34 -1.26 -20.10
N GLN E 187 36.74 -2.10 -19.14
CA GLN E 187 35.86 -3.05 -18.50
C GLN E 187 36.04 -2.97 -16.98
N LEU E 188 34.91 -2.97 -16.27
CA LEU E 188 34.94 -2.84 -14.82
C LEU E 188 35.56 -4.07 -14.17
N LEU E 189 36.34 -3.84 -13.11
CA LEU E 189 36.96 -4.93 -12.36
C LEU E 189 36.45 -4.98 -10.92
N ILE E 190 36.56 -3.89 -10.16
CA ILE E 190 36.17 -3.86 -8.76
C ILE E 190 35.41 -2.57 -8.48
N TYR E 191 34.30 -2.67 -7.76
CA TYR E 191 33.53 -1.52 -7.34
C TYR E 191 33.45 -1.47 -5.82
N ARG E 192 33.57 -0.27 -5.26
CA ARG E 192 33.60 -0.04 -3.82
C ARG E 192 34.75 -0.78 -3.15
N MET E 193 35.86 -0.93 -3.87
CA MET E 193 37.19 -1.33 -3.41
C MET E 193 37.21 -2.69 -2.69
N SER E 194 36.07 -3.37 -2.62
CA SER E 194 36.04 -4.68 -1.99
C SER E 194 35.20 -5.72 -2.74
N ASN E 195 34.40 -5.32 -3.73
CA ASN E 195 33.46 -6.22 -4.38
C ASN E 195 33.94 -6.56 -5.77
N LEU E 196 33.92 -7.85 -6.10
CA LEU E 196 34.33 -8.33 -7.41
C LEU E 196 33.16 -8.24 -8.38
N ALA E 197 33.44 -7.76 -9.59
CA ALA E 197 32.39 -7.53 -10.57
C ALA E 197 31.92 -8.85 -11.16
N SER E 198 31.02 -8.76 -12.13
CA SER E 198 30.43 -9.92 -12.79
C SER E 198 31.18 -10.21 -14.10
N GLY E 199 31.46 -11.49 -14.32
CA GLY E 199 32.18 -11.89 -15.52
C GLY E 199 33.68 -11.76 -15.46
N VAL E 200 34.24 -11.51 -14.28
CA VAL E 200 35.68 -11.36 -14.14
C VAL E 200 36.22 -12.52 -13.28
N PRO E 201 37.44 -12.99 -13.52
CA PRO E 201 37.97 -14.09 -12.72
C PRO E 201 38.25 -13.69 -11.29
N ASP E 202 38.41 -14.71 -10.45
CA ASP E 202 38.65 -14.52 -9.02
C ASP E 202 40.12 -14.22 -8.72
N ARG E 203 40.96 -14.19 -9.75
CA ARG E 203 42.38 -13.88 -9.54
C ARG E 203 42.56 -12.48 -8.99
N PHE E 204 41.81 -11.52 -9.52
CA PHE E 204 41.92 -10.14 -9.07
C PHE E 204 41.37 -9.98 -7.66
N SER E 205 41.98 -9.07 -6.90
CA SER E 205 41.49 -8.74 -5.56
C SER E 205 41.83 -7.30 -5.26
N GLY E 206 41.06 -6.70 -4.37
CA GLY E 206 41.27 -5.31 -3.99
C GLY E 206 41.13 -5.14 -2.49
N SER E 207 41.91 -4.21 -1.96
CA SER E 207 41.88 -3.92 -0.53
C SER E 207 42.43 -2.52 -0.31
N GLY E 208 42.45 -2.11 0.95
CA GLY E 208 43.00 -0.82 1.31
C GLY E 208 42.29 -0.26 2.52
N SER E 209 42.74 0.93 2.90
CA SER E 209 42.15 1.63 4.05
C SER E 209 42.46 3.11 3.93
N GLY E 210 41.52 3.92 4.41
CA GLY E 210 41.72 5.36 4.46
C GLY E 210 42.00 5.97 3.11
N THR E 211 43.27 6.36 2.90
CA THR E 211 43.70 6.98 1.65
C THR E 211 44.45 6.02 0.74
N ALA E 212 44.95 4.90 1.26
CA ALA E 212 45.76 3.97 0.48
C ALA E 212 44.91 2.82 -0.02
N PHE E 213 45.12 2.43 -1.28
CA PHE E 213 44.37 1.33 -1.87
C PHE E 213 45.30 0.48 -2.74
N THR E 214 45.12 -0.84 -2.66
CA THR E 214 45.94 -1.78 -3.39
C THR E 214 45.08 -2.74 -4.19
N LEU E 215 45.51 -3.02 -5.42
CA LEU E 215 44.90 -4.03 -6.27
C LEU E 215 45.93 -5.10 -6.57
N THR E 216 45.60 -6.35 -6.27
CA THR E 216 46.54 -7.46 -6.38
C THR E 216 46.03 -8.49 -7.39
N ILE E 217 46.95 -8.99 -8.21
CA ILE E 217 46.68 -10.05 -9.17
C ILE E 217 47.60 -11.21 -8.83
N SER E 218 47.01 -12.37 -8.57
CA SER E 218 47.79 -13.53 -8.14
C SER E 218 48.53 -14.15 -9.32
N ARG E 219 47.79 -14.60 -10.34
CA ARG E 219 48.36 -15.24 -11.52
C ARG E 219 48.05 -14.38 -12.74
N LEU E 220 49.07 -14.12 -13.55
CA LEU E 220 48.92 -13.30 -14.74
C LEU E 220 48.97 -14.16 -15.99
N GLU E 221 48.10 -13.85 -16.94
CA GLU E 221 48.04 -14.51 -18.23
C GLU E 221 48.23 -13.47 -19.34
N ALA E 222 48.06 -13.92 -20.59
CA ALA E 222 48.26 -13.03 -21.72
C ALA E 222 47.16 -11.99 -21.86
N GLU E 223 46.03 -12.17 -21.17
CA GLU E 223 44.91 -11.26 -21.26
C GLU E 223 44.91 -10.19 -20.18
N ASP E 224 45.91 -10.21 -19.28
CA ASP E 224 46.00 -9.23 -18.21
C ASP E 224 46.87 -8.03 -18.57
N VAL E 225 47.38 -7.96 -19.78
CA VAL E 225 48.22 -6.85 -20.20
C VAL E 225 47.34 -5.66 -20.58
N GLY E 226 47.69 -4.49 -20.08
CA GLY E 226 46.91 -3.29 -20.38
C GLY E 226 47.19 -2.21 -19.35
N VAL E 227 46.25 -1.26 -19.28
CA VAL E 227 46.35 -0.10 -18.41
C VAL E 227 45.26 -0.18 -17.34
N TYR E 228 45.61 0.17 -16.11
CA TYR E 228 44.71 0.07 -14.98
C TYR E 228 44.39 1.47 -14.47
N TYR E 229 43.13 1.69 -14.08
CA TYR E 229 42.69 2.99 -13.59
C TYR E 229 41.88 2.84 -12.30
N CYS E 230 42.06 3.83 -11.41
CA CYS E 230 41.29 3.95 -10.17
C CYS E 230 40.49 5.25 -10.19
N MET E 231 39.28 5.20 -9.63
CA MET E 231 38.34 6.31 -9.65
C MET E 231 37.68 6.46 -8.29
N GLN E 232 37.25 7.69 -7.98
CA GLN E 232 36.53 8.01 -6.76
C GLN E 232 35.10 8.44 -7.09
N HIS E 233 34.20 8.28 -6.11
CA HIS E 233 32.80 8.62 -6.35
C HIS E 233 32.14 9.28 -5.14
N LEU E 234 32.90 10.01 -4.32
CA LEU E 234 32.29 10.74 -3.21
C LEU E 234 31.41 11.88 -3.71
N GLU E 235 31.95 12.72 -4.58
CA GLU E 235 31.28 13.94 -4.99
C GLU E 235 31.62 14.25 -6.43
N TYR E 236 30.79 15.08 -7.05
CA TYR E 236 31.03 15.52 -8.41
C TYR E 236 31.93 16.76 -8.41
N PRO E 237 32.82 16.92 -9.41
CA PRO E 237 33.01 16.00 -10.53
C PRO E 237 33.85 14.77 -10.18
N LEU E 238 33.66 13.69 -10.92
CA LEU E 238 34.44 12.48 -10.71
C LEU E 238 35.83 12.66 -11.31
N THR E 239 36.85 12.38 -10.51
CA THR E 239 38.24 12.59 -10.91
C THR E 239 38.91 11.25 -11.15
N PHE E 240 39.63 11.15 -12.26
CA PHE E 240 40.32 9.93 -12.65
C PHE E 240 41.81 10.03 -12.33
N GLY E 241 42.45 8.87 -12.22
CA GLY E 241 43.87 8.80 -11.98
C GLY E 241 44.63 8.43 -13.23
N ALA E 242 45.91 8.80 -13.26
CA ALA E 242 46.77 8.44 -14.37
C ALA E 242 46.93 6.92 -14.44
N GLY E 243 46.83 6.37 -15.64
CA GLY E 243 46.81 4.93 -15.79
C GLY E 243 48.14 4.29 -15.43
N THR E 244 48.05 3.04 -14.98
CA THR E 244 49.22 2.24 -14.64
C THR E 244 49.33 1.12 -15.67
N LYS E 245 50.37 1.18 -16.50
CA LYS E 245 50.54 0.20 -17.55
C LYS E 245 51.29 -1.02 -17.05
N LEU E 246 50.95 -2.18 -17.59
CA LEU E 246 51.70 -3.42 -17.36
C LEU E 246 52.20 -3.94 -18.70
N GLU E 247 53.49 -4.25 -18.77
CA GLU E 247 54.13 -4.76 -19.96
C GLU E 247 54.69 -6.16 -19.70
N LEU E 248 54.65 -7.00 -20.73
CA LEU E 248 55.13 -8.36 -20.61
C LEU E 248 56.65 -8.42 -20.73
C1 MEA F 1 -16.79 59.94 2.33
N MEA F 1 -16.32 60.49 3.59
CA MEA F 1 -15.57 59.67 4.51
C MEA F 1 -16.48 58.75 5.28
O MEA F 1 -17.60 59.18 5.64
CB MEA F 1 -14.80 60.54 5.49
CG MEA F 1 -13.88 59.68 6.33
CD1 MEA F 1 -12.94 58.86 5.71
CE1 MEA F 1 -12.10 58.07 6.49
CZ MEA F 1 -12.21 58.09 7.88
CE2 MEA F 1 -13.16 58.90 8.49
CD2 MEA F 1 -13.99 59.70 7.71
N LYS F 2 -16.64 57.40 5.58
CA LYS F 2 -17.48 56.47 6.33
C LYS F 2 -16.62 55.65 7.29
N PRO F 3 -16.63 56.04 8.57
CA PRO F 3 -15.85 55.34 9.61
C PRO F 3 -16.21 53.86 9.68
C1 ZAL F 4 -14.22 49.99 11.36
C2 ZAL F 4 -12.87 49.32 11.63
C3 ZAL F 4 -12.93 48.46 12.88
C4 ZAL F 4 -13.37 49.28 14.09
C5 ZAL F 4 -14.69 49.99 13.82
C6 ZAL F 4 -14.61 50.84 12.55
N ZAL F 4 -15.19 53.00 9.78
CA ZAL F 4 -15.42 51.57 9.82
CB ZAL F 4 -14.11 50.86 10.12
C ZAL F 4 -15.93 51.10 8.49
O ZAL F 4 -15.72 51.80 7.47
N TRP F 5 -16.59 49.94 8.46
CA TRP F 5 -16.59 49.11 7.27
C TRP F 5 -17.23 49.82 6.09
N DAR F 6 -18.00 49.06 5.31
CA DAR F 6 -18.72 49.62 4.18
CB DAR F 6 -20.12 49.00 4.13
CG DAR F 6 -20.09 47.52 4.49
CD DAR F 6 -21.21 47.18 5.47
NE DAR F 6 -20.85 46.06 6.32
CZ DAR F 6 -21.51 45.81 7.45
NH1 DAR F 6 -20.83 45.68 8.59
NH2 DAR F 6 -22.83 45.69 7.44
C DAR F 6 -17.99 49.28 2.92
O DAR F 6 -18.16 50.03 1.92
OXT DAR F 6 -17.23 48.30 2.90
#